data_8YP1
#
_entry.id   8YP1
#
_cell.length_a   59.943
_cell.length_b   112.984
_cell.length_c   110.211
_cell.angle_alpha   90.00
_cell.angle_beta   90.37
_cell.angle_gamma   90.00
#
_symmetry.space_group_name_H-M   'P 1 21 1'
#
_entity_poly.entity_id   1
_entity_poly.type   'polypeptide(L)'
_entity_poly.pdbx_seq_one_letter_code
;MDKTHTCPPCPAPELLGGPSVFLFPPKPKDTLMISRTPEVTCVVVDVSHEDPEVKFNWYVDGVEVHNAKTKPREEQYNST
YRVVSVLTVLHQDWLNGKEYKCKVSNKALPAPIEKTISKAKGQPREPQVYTLPPSRDELTKNQVSLTCLVKGFYPSDIAV
EWESNGQPENNYKTTPPVLDSDGSFFLYSKLTVDKSRWQQGNVFSCSVMHEALHNHYTQKSLSLSPGKAERAALEELVKL
QGERVRGLKQQKASAELIEEEVAKLLKLKAQLGPDESKQKFVLKTPK
;
_entity_poly.pdbx_strand_id   A,B,C,D
#
# COMPACT_ATOMS: atom_id res chain seq x y z
N GLY A 17 42.53 13.41 -15.08
CA GLY A 17 41.39 12.92 -15.93
C GLY A 17 40.86 14.02 -16.84
N GLY A 18 41.21 13.96 -18.13
CA GLY A 18 40.67 14.85 -19.16
C GLY A 18 39.43 14.24 -19.81
N PRO A 19 39.29 14.28 -21.16
CA PRO A 19 38.20 13.61 -21.86
C PRO A 19 38.37 12.08 -21.87
N SER A 20 37.23 11.37 -21.90
CA SER A 20 37.14 9.88 -21.94
C SER A 20 36.46 9.47 -23.25
N VAL A 21 36.88 8.34 -23.81
CA VAL A 21 36.35 7.74 -25.08
C VAL A 21 35.60 6.45 -24.77
N PHE A 22 34.35 6.34 -25.19
CA PHE A 22 33.55 5.09 -25.09
C PHE A 22 33.05 4.70 -26.47
N LEU A 23 33.03 3.41 -26.75
CA LEU A 23 32.79 2.84 -28.09
C LEU A 23 31.65 1.84 -27.97
N PHE A 24 30.58 2.01 -28.73
CA PHE A 24 29.33 1.22 -28.61
C PHE A 24 29.11 0.41 -29.89
N PRO A 25 28.62 -0.84 -29.76
CA PRO A 25 28.44 -1.71 -30.92
C PRO A 25 27.14 -1.36 -31.63
N PRO A 26 26.91 -1.88 -32.86
CA PRO A 26 25.65 -1.68 -33.57
C PRO A 26 24.50 -2.38 -32.87
N LYS A 27 23.28 -1.89 -33.09
CA LYS A 27 22.03 -2.51 -32.58
C LYS A 27 21.94 -3.92 -33.18
N PRO A 28 21.62 -4.94 -32.36
CA PRO A 28 21.65 -6.33 -32.82
C PRO A 28 20.84 -6.55 -34.11
N LYS A 29 19.63 -5.99 -34.14
CA LYS A 29 18.67 -6.08 -35.27
C LYS A 29 19.37 -5.62 -36.56
N ASP A 30 20.15 -4.54 -36.49
CA ASP A 30 20.79 -3.88 -37.65
C ASP A 30 21.90 -4.77 -38.24
N THR A 31 22.56 -5.60 -37.45
CA THR A 31 23.67 -6.48 -37.93
C THR A 31 23.10 -7.70 -38.64
N LEU A 32 21.82 -8.05 -38.39
CA LEU A 32 21.24 -9.37 -38.74
C LEU A 32 20.38 -9.25 -40.01
N MET A 33 19.54 -8.21 -40.12
CA MET A 33 18.81 -7.87 -41.36
C MET A 33 19.74 -7.09 -42.31
N ILE A 34 19.85 -7.55 -43.55
CA ILE A 34 20.69 -6.95 -44.63
C ILE A 34 20.07 -5.62 -45.07
N SER A 35 18.76 -5.44 -44.86
CA SER A 35 18.00 -4.21 -45.23
C SER A 35 18.40 -3.02 -44.34
N ARG A 36 19.07 -3.25 -43.21
CA ARG A 36 19.36 -2.16 -42.21
C ARG A 36 20.85 -1.81 -42.24
N THR A 37 21.21 -0.67 -41.63
CA THR A 37 22.59 -0.11 -41.63
C THR A 37 23.18 -0.17 -40.22
N PRO A 38 24.01 -1.19 -39.94
CA PRO A 38 24.67 -1.28 -38.65
C PRO A 38 25.77 -0.21 -38.56
N GLU A 39 25.88 0.43 -37.40
CA GLU A 39 26.91 1.47 -37.17
C GLU A 39 27.51 1.35 -35.76
N VAL A 40 28.82 1.53 -35.68
CA VAL A 40 29.61 1.65 -34.43
C VAL A 40 29.65 3.13 -34.06
N THR A 41 29.47 3.46 -32.77
CA THR A 41 29.41 4.85 -32.26
C THR A 41 30.57 5.06 -31.28
N CYS A 42 31.37 6.09 -31.53
CA CYS A 42 32.46 6.58 -30.66
C CYS A 42 31.99 7.84 -29.97
N VAL A 43 31.87 7.80 -28.65
CA VAL A 43 31.40 8.95 -27.83
C VAL A 43 32.61 9.43 -27.02
N VAL A 44 32.92 10.71 -27.15
CA VAL A 44 33.92 11.42 -26.30
C VAL A 44 33.16 12.31 -25.34
N VAL A 45 33.40 12.13 -24.03
CA VAL A 45 32.73 12.86 -22.94
C VAL A 45 33.79 13.67 -22.20
N ASP A 46 33.35 14.70 -21.46
CA ASP A 46 34.20 15.56 -20.59
C ASP A 46 35.22 16.29 -21.47
N VAL A 47 34.75 16.83 -22.60
CA VAL A 47 35.52 17.73 -23.49
C VAL A 47 35.34 19.16 -22.97
N SER A 48 36.44 19.84 -22.61
CA SER A 48 36.44 21.20 -22.04
C SER A 48 35.98 22.19 -23.10
N HIS A 49 35.17 23.19 -22.72
CA HIS A 49 34.74 24.32 -23.58
C HIS A 49 35.96 25.08 -24.08
N GLU A 50 37.06 25.05 -23.30
CA GLU A 50 38.37 25.71 -23.59
C GLU A 50 38.94 25.17 -24.91
N ASP A 51 39.10 23.85 -25.01
CA ASP A 51 39.64 23.13 -26.19
C ASP A 51 38.64 22.07 -26.64
N PRO A 52 37.52 22.45 -27.31
CA PRO A 52 36.42 21.53 -27.59
C PRO A 52 36.49 20.81 -28.96
N GLU A 53 37.58 21.04 -29.68
CA GLU A 53 37.84 20.36 -30.97
C GLU A 53 38.31 18.93 -30.68
N VAL A 54 37.73 17.99 -31.40
CA VAL A 54 38.04 16.53 -31.32
C VAL A 54 38.25 16.02 -32.76
N LYS A 55 39.37 15.35 -33.03
CA LYS A 55 39.61 14.64 -34.30
C LYS A 55 39.44 13.14 -34.08
N PHE A 56 38.60 12.48 -34.89
CA PHE A 56 38.41 11.00 -34.88
C PHE A 56 39.22 10.39 -36.04
N ASN A 57 40.01 9.38 -35.76
CA ASN A 57 40.56 8.45 -36.77
C ASN A 57 39.94 7.07 -36.55
N TRP A 58 39.43 6.45 -37.60
CA TRP A 58 38.80 5.10 -37.53
C TRP A 58 39.67 4.09 -38.26
N TYR A 59 39.80 2.88 -37.71
CA TYR A 59 40.59 1.76 -38.26
C TYR A 59 39.75 0.49 -38.22
N VAL A 60 39.76 -0.27 -39.31
CA VAL A 60 39.12 -1.61 -39.42
C VAL A 60 40.23 -2.64 -39.57
N ASP A 61 40.50 -3.42 -38.52
CA ASP A 61 41.61 -4.41 -38.44
C ASP A 61 42.93 -3.71 -38.74
N GLY A 62 43.18 -2.57 -38.09
CA GLY A 62 44.44 -1.79 -38.19
C GLY A 62 44.46 -0.84 -39.39
N VAL A 63 43.57 -1.05 -40.37
CA VAL A 63 43.54 -0.30 -41.66
C VAL A 63 42.61 0.92 -41.53
N GLU A 64 43.15 2.13 -41.67
CA GLU A 64 42.37 3.39 -41.54
C GLU A 64 41.26 3.43 -42.60
N VAL A 65 40.09 3.96 -42.24
CA VAL A 65 38.91 4.17 -43.14
C VAL A 65 38.41 5.60 -42.92
N HIS A 66 37.60 6.13 -43.84
CA HIS A 66 37.29 7.58 -43.95
C HIS A 66 35.78 7.85 -44.11
N ASN A 67 34.91 6.86 -43.87
CA ASN A 67 33.46 6.95 -44.17
C ASN A 67 32.65 7.38 -42.94
N ALA A 68 33.31 7.77 -41.85
CA ALA A 68 32.66 8.14 -40.58
C ALA A 68 31.91 9.47 -40.73
N LYS A 69 30.72 9.57 -40.15
CA LYS A 69 29.93 10.82 -40.07
C LYS A 69 30.08 11.42 -38.67
N THR A 70 30.43 12.69 -38.59
CA THR A 70 30.55 13.42 -37.29
C THR A 70 29.21 14.10 -36.95
N LYS A 71 28.65 13.83 -35.77
CA LYS A 71 27.43 14.51 -35.30
C LYS A 71 27.85 15.84 -34.68
N PRO A 72 26.96 16.87 -34.68
CA PRO A 72 27.20 18.12 -33.98
C PRO A 72 27.32 17.92 -32.47
N ARG A 73 28.23 18.65 -31.84
CA ARG A 73 28.53 18.52 -30.38
C ARG A 73 27.30 18.90 -29.56
N GLU A 74 27.24 18.45 -28.31
CA GLU A 74 26.10 18.63 -27.37
C GLU A 74 26.65 19.03 -26.00
N GLU A 75 25.96 19.94 -25.33
CA GLU A 75 26.32 20.47 -23.99
C GLU A 75 25.96 19.41 -22.94
N GLN A 76 26.92 18.92 -22.14
CA GLN A 76 26.60 18.06 -20.97
C GLN A 76 26.21 18.95 -19.78
N TYR A 77 25.61 18.37 -18.74
CA TYR A 77 25.10 19.13 -17.57
C TYR A 77 26.28 19.71 -16.77
N ASN A 78 27.46 19.10 -16.83
CA ASN A 78 28.66 19.55 -16.08
C ASN A 78 29.45 20.59 -16.89
N SER A 79 28.78 21.34 -17.79
CA SER A 79 29.37 22.42 -18.62
C SER A 79 30.66 21.92 -19.30
N THR A 80 30.60 20.71 -19.87
CA THR A 80 31.59 20.12 -20.82
C THR A 80 30.82 19.66 -22.07
N TYR A 81 31.55 19.27 -23.12
CA TYR A 81 30.95 18.79 -24.39
C TYR A 81 31.02 17.26 -24.47
N ARG A 82 30.00 16.71 -25.12
CA ARG A 82 29.97 15.31 -25.61
C ARG A 82 29.99 15.39 -27.14
N VAL A 83 30.94 14.69 -27.77
CA VAL A 83 31.12 14.66 -29.25
C VAL A 83 31.03 13.21 -29.74
N VAL A 84 30.24 12.98 -30.78
CA VAL A 84 29.91 11.62 -31.28
C VAL A 84 30.34 11.46 -32.74
N SER A 85 30.99 10.35 -33.06
CA SER A 85 31.34 9.94 -34.44
C SER A 85 30.71 8.58 -34.71
N VAL A 86 30.05 8.41 -35.85
CA VAL A 86 29.28 7.19 -36.23
C VAL A 86 29.91 6.59 -37.49
N LEU A 87 30.36 5.34 -37.41
CA LEU A 87 30.96 4.61 -38.55
C LEU A 87 30.00 3.51 -38.99
N THR A 88 29.51 3.59 -40.23
CA THR A 88 28.76 2.50 -40.90
C THR A 88 29.71 1.33 -41.12
N VAL A 89 29.27 0.10 -40.85
CA VAL A 89 30.05 -1.17 -41.04
C VAL A 89 29.29 -2.09 -41.98
N LEU A 90 29.99 -3.03 -42.61
CA LEU A 90 29.37 -4.09 -43.45
C LEU A 90 28.93 -5.25 -42.55
N HIS A 91 27.68 -5.66 -42.67
CA HIS A 91 27.06 -6.82 -41.97
C HIS A 91 28.10 -7.93 -41.79
N GLN A 92 28.75 -8.34 -42.89
CA GLN A 92 29.65 -9.52 -42.93
C GLN A 92 30.88 -9.20 -42.07
N ASP A 93 31.41 -7.98 -42.16
CA ASP A 93 32.63 -7.53 -41.45
C ASP A 93 32.40 -7.65 -39.94
N TRP A 94 31.27 -7.12 -39.46
CA TRP A 94 30.92 -7.14 -38.02
C TRP A 94 30.78 -8.59 -37.53
N LEU A 95 30.01 -9.40 -38.25
CA LEU A 95 29.70 -10.81 -37.88
C LEU A 95 30.94 -11.69 -38.00
N ASN A 96 31.89 -11.35 -38.87
CA ASN A 96 33.17 -12.11 -39.04
C ASN A 96 34.13 -11.77 -37.91
N GLY A 97 33.83 -10.74 -37.10
CA GLY A 97 34.57 -10.40 -35.88
C GLY A 97 35.72 -9.43 -36.13
N LYS A 98 35.67 -8.67 -37.23
CA LYS A 98 36.60 -7.54 -37.51
C LYS A 98 36.59 -6.54 -36.34
N GLU A 99 37.77 -6.08 -35.94
CA GLU A 99 37.98 -5.11 -34.83
C GLU A 99 37.87 -3.69 -35.39
N TYR A 100 37.07 -2.86 -34.72
CA TYR A 100 36.83 -1.44 -35.05
C TYR A 100 37.50 -0.60 -33.97
N LYS A 101 38.45 0.26 -34.36
CA LYS A 101 39.23 1.11 -33.44
C LYS A 101 38.90 2.58 -33.71
N CYS A 102 38.64 3.32 -32.63
CA CYS A 102 38.39 4.77 -32.62
C CYS A 102 39.57 5.42 -31.90
N LYS A 103 40.34 6.25 -32.60
CA LYS A 103 41.45 7.06 -32.01
C LYS A 103 40.96 8.52 -31.90
N VAL A 104 41.03 9.10 -30.71
CA VAL A 104 40.54 10.47 -30.40
C VAL A 104 41.72 11.36 -30.05
N SER A 105 41.87 12.48 -30.75
CA SER A 105 42.86 13.55 -30.48
C SER A 105 42.12 14.80 -29.99
N ASN A 106 42.70 15.49 -29.01
CA ASN A 106 42.17 16.71 -28.38
C ASN A 106 43.37 17.39 -27.69
N LYS A 107 43.44 18.73 -27.74
CA LYS A 107 44.63 19.49 -27.26
C LYS A 107 44.81 19.29 -25.76
N ALA A 108 43.74 19.06 -25.01
CA ALA A 108 43.74 18.81 -23.55
C ALA A 108 44.24 17.40 -23.24
N LEU A 109 44.69 16.61 -24.23
CA LEU A 109 45.21 15.24 -24.01
C LEU A 109 46.72 15.21 -24.23
N PRO A 110 47.49 14.58 -23.33
CA PRO A 110 48.92 14.37 -23.54
C PRO A 110 49.21 13.59 -24.84
N ALA A 111 48.36 12.62 -25.16
CA ALA A 111 48.45 11.76 -26.37
C ALA A 111 47.04 11.38 -26.80
N PRO A 112 46.85 10.87 -28.04
CA PRO A 112 45.55 10.42 -28.46
C PRO A 112 45.09 9.20 -27.63
N ILE A 113 43.79 9.09 -27.36
CA ILE A 113 43.16 7.89 -26.73
C ILE A 113 42.61 6.99 -27.82
N GLU A 114 42.87 5.68 -27.71
CA GLU A 114 42.34 4.61 -28.58
C GLU A 114 41.38 3.73 -27.77
N LYS A 115 40.22 3.38 -28.34
CA LYS A 115 39.37 2.27 -27.84
C LYS A 115 39.06 1.36 -29.01
N THR A 116 38.86 0.07 -28.75
CA THR A 116 38.60 -0.97 -29.77
C THR A 116 37.31 -1.71 -29.40
N ILE A 117 36.57 -2.20 -30.39
CA ILE A 117 35.34 -3.01 -30.16
C ILE A 117 35.19 -4.01 -31.31
N SER A 118 34.67 -5.20 -31.02
CA SER A 118 34.28 -6.20 -32.03
C SER A 118 33.18 -7.09 -31.45
N LYS A 119 32.49 -7.88 -32.27
CA LYS A 119 31.49 -8.84 -31.74
C LYS A 119 32.19 -9.78 -30.74
N ALA A 120 31.48 -10.22 -29.69
CA ALA A 120 32.01 -11.14 -28.66
C ALA A 120 32.58 -12.37 -29.35
N LYS A 121 33.75 -12.84 -28.87
CA LYS A 121 34.38 -14.07 -29.42
C LYS A 121 33.86 -15.25 -28.61
N GLY A 122 33.83 -16.43 -29.23
CA GLY A 122 33.26 -17.65 -28.62
C GLY A 122 32.46 -18.42 -29.63
N GLN A 123 32.27 -19.71 -29.41
CA GLN A 123 31.49 -20.57 -30.35
C GLN A 123 30.06 -20.03 -30.38
N PRO A 124 29.55 -19.48 -31.51
CA PRO A 124 28.15 -19.11 -31.61
C PRO A 124 27.24 -20.34 -31.45
N ARG A 125 26.16 -20.20 -30.67
CA ARG A 125 25.20 -21.27 -30.34
C ARG A 125 23.79 -20.83 -30.75
N GLU A 126 23.05 -21.74 -31.35
CA GLU A 126 21.71 -21.51 -31.96
C GLU A 126 20.70 -21.34 -30.83
N PRO A 127 19.89 -20.27 -30.80
CA PRO A 127 18.84 -20.11 -29.81
C PRO A 127 17.74 -21.16 -30.01
N GLN A 128 17.22 -21.70 -28.90
CA GLN A 128 16.04 -22.57 -28.89
C GLN A 128 14.87 -21.73 -28.43
N VAL A 129 13.81 -21.67 -29.23
CA VAL A 129 12.65 -20.77 -29.02
C VAL A 129 11.45 -21.62 -28.60
N TYR A 130 10.86 -21.32 -27.44
CA TYR A 130 9.75 -22.08 -26.83
C TYR A 130 8.64 -21.11 -26.42
N THR A 131 7.43 -21.30 -26.92
CA THR A 131 6.27 -20.46 -26.54
C THR A 131 5.51 -21.13 -25.40
N LEU A 132 5.04 -20.32 -24.44
CA LEU A 132 4.30 -20.80 -23.25
C LEU A 132 2.97 -20.08 -23.17
N PRO A 133 1.84 -20.81 -23.14
CA PRO A 133 0.52 -20.18 -22.97
C PRO A 133 0.36 -19.58 -21.59
N PRO A 134 -0.72 -18.81 -21.34
CA PRO A 134 -0.99 -18.25 -20.02
C PRO A 134 -1.21 -19.34 -18.97
N SER A 135 -0.74 -19.11 -17.74
CA SER A 135 -1.10 -19.91 -16.55
C SER A 135 -2.62 -19.98 -16.45
N ARG A 136 -3.19 -21.10 -16.03
CA ARG A 136 -4.65 -21.21 -15.78
C ARG A 136 -5.08 -20.11 -14.80
N ASP A 137 -4.28 -19.85 -13.76
CA ASP A 137 -4.54 -18.81 -12.73
C ASP A 137 -4.71 -17.42 -13.37
N GLU A 138 -4.06 -17.14 -14.49
CA GLU A 138 -4.08 -15.80 -15.12
C GLU A 138 -5.36 -15.61 -15.96
N LEU A 139 -6.06 -16.70 -16.30
CA LEU A 139 -7.28 -16.63 -17.15
C LEU A 139 -8.47 -16.03 -16.37
N THR A 140 -8.35 -15.79 -15.07
CA THR A 140 -9.34 -15.02 -14.29
C THR A 140 -9.26 -13.54 -14.68
N LYS A 141 -8.08 -13.04 -15.04
CA LYS A 141 -7.84 -11.59 -15.33
C LYS A 141 -8.36 -11.23 -16.73
N ASN A 142 -8.44 -9.93 -17.02
CA ASN A 142 -8.99 -9.35 -18.27
C ASN A 142 -7.93 -9.35 -19.37
N GLN A 143 -6.65 -9.21 -19.01
CA GLN A 143 -5.50 -9.37 -19.94
C GLN A 143 -4.71 -10.63 -19.58
N VAL A 144 -4.14 -11.34 -20.56
CA VAL A 144 -3.28 -12.54 -20.30
C VAL A 144 -1.90 -12.34 -20.93
N SER A 145 -0.93 -13.08 -20.43
CA SER A 145 0.50 -13.00 -20.81
C SER A 145 0.86 -14.22 -21.66
N LEU A 146 1.29 -13.97 -22.88
CA LEU A 146 1.92 -14.99 -23.73
C LEU A 146 3.42 -14.87 -23.54
N THR A 147 4.08 -15.99 -23.25
CA THR A 147 5.51 -16.02 -22.89
C THR A 147 6.30 -16.71 -24.01
N CYS A 148 7.41 -16.10 -24.40
CA CYS A 148 8.41 -16.68 -25.31
C CYS A 148 9.75 -16.81 -24.58
N LEU A 149 10.22 -18.04 -24.39
CA LEU A 149 11.55 -18.35 -23.83
C LEU A 149 12.49 -18.55 -25.02
N VAL A 150 13.58 -17.79 -25.06
CA VAL A 150 14.71 -17.96 -26.02
C VAL A 150 15.95 -18.28 -25.21
N LYS A 151 16.54 -19.47 -25.35
CA LYS A 151 17.65 -19.94 -24.48
C LYS A 151 18.75 -20.63 -25.27
N GLY A 152 19.91 -20.74 -24.65
CA GLY A 152 21.09 -21.47 -25.17
C GLY A 152 21.73 -20.76 -26.34
N PHE A 153 21.61 -19.44 -26.44
CA PHE A 153 22.21 -18.67 -27.56
C PHE A 153 23.53 -18.03 -27.15
N TYR A 154 24.38 -17.86 -28.15
CA TYR A 154 25.66 -17.11 -28.06
C TYR A 154 25.99 -16.55 -29.44
N PRO A 155 26.50 -15.31 -29.56
CA PRO A 155 26.63 -14.38 -28.43
C PRO A 155 25.28 -13.76 -28.04
N SER A 156 25.29 -12.78 -27.13
CA SER A 156 24.07 -12.19 -26.49
C SER A 156 23.29 -11.29 -27.46
N ASP A 157 23.86 -10.92 -28.60
CA ASP A 157 23.21 -10.03 -29.60
C ASP A 157 22.02 -10.78 -30.24
N ILE A 158 20.79 -10.28 -30.04
CA ILE A 158 19.54 -10.97 -30.46
C ILE A 158 18.41 -9.95 -30.60
N ALA A 159 17.37 -10.26 -31.36
CA ALA A 159 16.18 -9.42 -31.58
C ALA A 159 14.94 -10.32 -31.52
N VAL A 160 13.91 -9.87 -30.80
CA VAL A 160 12.64 -10.62 -30.61
C VAL A 160 11.48 -9.65 -30.82
N GLU A 161 10.52 -10.00 -31.65
CA GLU A 161 9.22 -9.29 -31.77
C GLU A 161 8.11 -10.33 -31.79
N TRP A 162 6.89 -9.87 -31.55
CA TRP A 162 5.67 -10.69 -31.66
C TRP A 162 4.81 -10.22 -32.85
N GLU A 163 4.14 -11.16 -33.48
CA GLU A 163 3.20 -10.95 -34.61
C GLU A 163 1.89 -11.69 -34.28
N SER A 164 0.81 -11.26 -34.91
CA SER A 164 -0.45 -12.00 -34.98
C SER A 164 -0.96 -11.84 -36.41
N ASN A 165 -1.13 -12.96 -37.11
CA ASN A 165 -1.67 -12.96 -38.49
C ASN A 165 -0.89 -11.92 -39.31
N GLY A 166 0.45 -12.06 -39.31
CA GLY A 166 1.41 -11.31 -40.16
C GLY A 166 1.40 -9.80 -39.90
N GLN A 167 1.05 -9.37 -38.68
CA GLN A 167 0.99 -7.93 -38.30
C GLN A 167 1.64 -7.76 -36.94
N PRO A 168 2.55 -6.79 -36.76
CA PRO A 168 3.28 -6.66 -35.50
C PRO A 168 2.33 -6.38 -34.32
N GLU A 169 2.49 -7.12 -33.24
CA GLU A 169 1.88 -6.82 -31.91
C GLU A 169 2.81 -5.84 -31.23
N ASN A 170 2.29 -4.81 -30.57
CA ASN A 170 3.15 -3.74 -30.04
C ASN A 170 3.18 -3.79 -28.51
N ASN A 171 2.19 -4.42 -27.85
CA ASN A 171 2.11 -4.42 -26.37
C ASN A 171 2.91 -5.61 -25.77
N TYR A 172 4.23 -5.63 -25.97
CA TYR A 172 5.16 -6.62 -25.38
C TYR A 172 6.43 -5.95 -24.87
N LYS A 173 7.06 -6.59 -23.90
CA LYS A 173 8.37 -6.23 -23.33
C LYS A 173 9.25 -7.47 -23.33
N THR A 174 10.55 -7.27 -23.51
CA THR A 174 11.59 -8.33 -23.53
C THR A 174 12.57 -8.05 -22.40
N THR A 175 13.01 -9.09 -21.68
CA THR A 175 14.06 -8.96 -20.65
C THR A 175 15.39 -8.82 -21.36
N PRO A 176 16.41 -8.22 -20.73
CA PRO A 176 17.76 -8.26 -21.28
C PRO A 176 18.25 -9.70 -21.28
N PRO A 177 19.23 -10.06 -22.15
CA PRO A 177 19.81 -11.40 -22.13
C PRO A 177 20.42 -11.64 -20.76
N VAL A 178 20.23 -12.82 -20.20
CA VAL A 178 20.81 -13.21 -18.88
C VAL A 178 21.80 -14.34 -19.12
N LEU A 179 22.95 -14.31 -18.44
CA LEU A 179 24.00 -15.36 -18.54
C LEU A 179 23.49 -16.61 -17.81
N ASP A 180 23.42 -17.72 -18.53
CA ASP A 180 23.01 -19.04 -17.99
C ASP A 180 24.25 -19.75 -17.43
N SER A 181 24.04 -20.81 -16.64
CA SER A 181 25.12 -21.53 -15.93
C SER A 181 26.07 -22.23 -16.91
N ASP A 182 25.64 -22.50 -18.14
CA ASP A 182 26.46 -23.22 -19.14
C ASP A 182 27.23 -22.22 -20.02
N GLY A 183 27.22 -20.91 -19.70
CA GLY A 183 27.94 -19.88 -20.49
C GLY A 183 27.18 -19.37 -21.72
N SER A 184 25.97 -19.88 -21.98
CA SER A 184 25.06 -19.33 -23.03
C SER A 184 24.15 -18.29 -22.38
N PHE A 185 23.32 -17.62 -23.19
CA PHE A 185 22.35 -16.60 -22.72
C PHE A 185 20.91 -17.11 -22.92
N PHE A 186 20.01 -16.62 -22.09
CA PHE A 186 18.55 -16.75 -22.28
C PHE A 186 17.87 -15.40 -22.02
N LEU A 187 16.68 -15.23 -22.59
CA LEU A 187 15.75 -14.15 -22.21
C LEU A 187 14.32 -14.64 -22.38
N TYR A 188 13.40 -13.83 -21.88
CA TYR A 188 11.94 -14.01 -22.02
C TYR A 188 11.37 -12.74 -22.66
N SER A 189 10.40 -12.92 -23.54
CA SER A 189 9.56 -11.83 -24.10
C SER A 189 8.11 -12.09 -23.68
N LYS A 190 7.46 -11.09 -23.08
CA LYS A 190 6.07 -11.22 -22.59
C LYS A 190 5.17 -10.32 -23.42
N LEU A 191 4.27 -10.93 -24.19
CA LEU A 191 3.20 -10.24 -24.95
C LEU A 191 1.93 -10.24 -24.12
N THR A 192 1.37 -9.06 -23.85
CA THR A 192 0.08 -8.90 -23.13
C THR A 192 -1.04 -8.72 -24.17
N VAL A 193 -2.10 -9.51 -24.06
CA VAL A 193 -3.29 -9.42 -24.97
C VAL A 193 -4.58 -9.48 -24.14
N ASP A 194 -5.68 -8.94 -24.68
CA ASP A 194 -7.03 -9.04 -24.07
C ASP A 194 -7.41 -10.52 -24.11
N LYS A 195 -7.95 -11.05 -23.02
CA LYS A 195 -8.30 -12.48 -22.87
C LYS A 195 -9.18 -12.93 -24.05
N SER A 196 -10.09 -12.06 -24.51
CA SER A 196 -10.98 -12.33 -25.67
C SER A 196 -10.16 -12.82 -26.88
N ARG A 197 -9.05 -12.16 -27.21
CA ARG A 197 -8.24 -12.47 -28.42
C ARG A 197 -7.62 -13.85 -28.29
N TRP A 198 -7.24 -14.22 -27.07
CA TRP A 198 -6.65 -15.54 -26.77
C TRP A 198 -7.73 -16.60 -26.97
N GLN A 199 -8.89 -16.37 -26.33
CA GLN A 199 -9.99 -17.35 -26.19
C GLN A 199 -10.63 -17.63 -27.55
N GLN A 200 -10.52 -16.68 -28.49
CA GLN A 200 -11.05 -16.76 -29.88
C GLN A 200 -10.17 -17.68 -30.73
N GLY A 201 -9.03 -18.10 -30.22
CA GLY A 201 -8.14 -19.07 -30.90
C GLY A 201 -7.23 -18.38 -31.89
N ASN A 202 -7.00 -17.07 -31.74
CA ASN A 202 -5.99 -16.33 -32.55
C ASN A 202 -4.62 -16.98 -32.34
N VAL A 203 -3.86 -17.09 -33.44
CA VAL A 203 -2.45 -17.55 -33.44
C VAL A 203 -1.54 -16.33 -33.29
N PHE A 204 -0.67 -16.38 -32.28
CA PHE A 204 0.40 -15.39 -32.00
C PHE A 204 1.75 -16.05 -32.25
N SER A 205 2.70 -15.26 -32.71
CA SER A 205 4.00 -15.74 -33.19
C SER A 205 5.11 -14.94 -32.51
N CYS A 206 6.07 -15.65 -31.94
CA CYS A 206 7.29 -15.10 -31.36
C CYS A 206 8.38 -15.26 -32.43
N SER A 207 8.95 -14.14 -32.86
CA SER A 207 9.86 -14.05 -34.02
C SER A 207 11.25 -13.63 -33.54
N VAL A 208 12.27 -14.41 -33.87
CA VAL A 208 13.63 -14.25 -33.27
C VAL A 208 14.65 -14.15 -34.39
N MET A 209 15.51 -13.13 -34.32
CA MET A 209 16.68 -12.98 -35.21
C MET A 209 17.95 -13.11 -34.39
N HIS A 210 18.90 -13.90 -34.91
CA HIS A 210 20.19 -14.24 -34.26
C HIS A 210 21.11 -14.83 -35.32
N GLU A 211 22.41 -14.57 -35.19
CA GLU A 211 23.42 -14.88 -36.24
C GLU A 211 23.49 -16.40 -36.46
N ALA A 212 23.15 -17.20 -35.45
CA ALA A 212 23.32 -18.67 -35.41
C ALA A 212 22.07 -19.41 -35.88
N LEU A 213 21.05 -18.71 -36.38
CA LEU A 213 19.82 -19.32 -36.95
C LEU A 213 19.97 -19.37 -38.48
N HIS A 214 19.45 -20.42 -39.11
CA HIS A 214 19.33 -20.50 -40.59
C HIS A 214 18.58 -19.25 -41.05
N ASN A 215 19.15 -18.49 -41.98
CA ASN A 215 18.60 -17.20 -42.48
C ASN A 215 18.51 -16.16 -41.38
N HIS A 216 19.27 -16.30 -40.29
CA HIS A 216 19.28 -15.36 -39.14
C HIS A 216 17.87 -15.21 -38.54
N TYR A 217 16.99 -16.19 -38.68
CA TYR A 217 15.54 -16.02 -38.42
C TYR A 217 14.88 -17.36 -38.11
N THR A 218 13.98 -17.33 -37.12
CA THR A 218 13.03 -18.40 -36.77
C THR A 218 11.82 -17.75 -36.12
N GLN A 219 10.69 -18.44 -36.14
CA GLN A 219 9.51 -18.02 -35.37
C GLN A 219 8.82 -19.26 -34.85
N LYS A 220 8.12 -19.10 -33.75
CA LYS A 220 7.37 -20.16 -33.08
C LYS A 220 5.99 -19.57 -32.81
N SER A 221 4.94 -20.33 -33.11
CA SER A 221 3.53 -19.91 -32.97
C SER A 221 2.93 -20.57 -31.74
N LEU A 222 1.75 -20.10 -31.34
CA LEU A 222 1.15 -20.34 -30.01
C LEU A 222 -0.34 -19.98 -30.13
N SER A 223 -1.27 -20.87 -29.74
CA SER A 223 -2.72 -20.62 -29.79
C SER A 223 -3.46 -21.50 -28.78
N LEU A 224 -4.70 -21.16 -28.44
CA LEU A 224 -5.54 -21.81 -27.40
C LEU A 224 -5.63 -23.35 -27.42
N SER A 225 -5.28 -24.07 -28.49
CA SER A 225 -5.45 -25.54 -28.63
C SER A 225 -4.33 -26.00 -29.56
N PRO A 226 -3.94 -27.30 -29.49
CA PRO A 226 -2.61 -27.71 -29.96
C PRO A 226 -2.39 -27.53 -31.47
N GLY A 227 -2.93 -28.45 -32.30
CA GLY A 227 -2.66 -28.51 -33.74
C GLY A 227 -3.29 -27.37 -34.52
N LYS A 228 -4.03 -26.45 -33.88
CA LYS A 228 -4.82 -25.40 -34.58
C LYS A 228 -3.87 -24.37 -35.22
N ALA A 229 -2.83 -23.96 -34.49
CA ALA A 229 -1.72 -23.09 -34.95
C ALA A 229 -0.85 -23.81 -35.99
N GLU A 230 -0.66 -25.13 -35.84
CA GLU A 230 0.17 -25.95 -36.78
C GLU A 230 -0.60 -26.07 -38.11
N ARG A 231 -1.90 -26.39 -38.03
CA ARG A 231 -2.84 -26.47 -39.18
C ARG A 231 -2.85 -25.12 -39.91
N ALA A 232 -2.94 -24.01 -39.15
CA ALA A 232 -3.02 -22.62 -39.66
C ALA A 232 -1.76 -22.31 -40.49
N ALA A 233 -0.57 -22.57 -39.92
CA ALA A 233 0.75 -22.37 -40.56
C ALA A 233 0.83 -23.17 -41.87
N LEU A 234 0.40 -24.43 -41.86
CA LEU A 234 0.37 -25.32 -43.05
C LEU A 234 -0.51 -24.68 -44.14
N GLU A 235 -1.71 -24.21 -43.78
CA GLU A 235 -2.66 -23.57 -44.73
C GLU A 235 -2.01 -22.32 -45.33
N GLU A 236 -1.29 -21.54 -44.53
CA GLU A 236 -0.59 -20.30 -44.97
C GLU A 236 0.48 -20.66 -46.01
N LEU A 237 1.29 -21.69 -45.75
CA LEU A 237 2.31 -22.20 -46.72
C LEU A 237 1.63 -22.66 -48.02
N VAL A 238 0.52 -23.40 -47.91
CA VAL A 238 -0.27 -23.87 -49.10
C VAL A 238 -0.68 -22.66 -49.95
N LYS A 239 -1.24 -21.62 -49.30
CA LYS A 239 -1.69 -20.35 -49.95
C LYS A 239 -0.52 -19.75 -50.74
N LEU A 240 0.62 -19.53 -50.08
CA LEU A 240 1.85 -18.87 -50.64
C LEU A 240 2.39 -19.71 -51.81
N GLN A 241 2.47 -21.02 -51.66
CA GLN A 241 2.95 -21.94 -52.72
C GLN A 241 1.98 -21.92 -53.92
N GLY A 242 0.66 -21.86 -53.65
CA GLY A 242 -0.38 -21.69 -54.69
C GLY A 242 -0.18 -20.41 -55.49
N GLU A 243 0.06 -19.30 -54.79
CA GLU A 243 0.40 -17.98 -55.38
C GLU A 243 1.69 -18.12 -56.19
N ARG A 244 2.70 -18.83 -55.69
CA ARG A 244 4.01 -19.07 -56.36
C ARG A 244 3.77 -19.78 -57.69
N VAL A 245 2.99 -20.86 -57.70
CA VAL A 245 2.62 -21.63 -58.94
C VAL A 245 1.88 -20.70 -59.92
N ARG A 246 0.79 -20.08 -59.48
CA ARG A 246 0.00 -19.09 -60.28
C ARG A 246 0.97 -18.07 -60.89
N GLY A 247 1.84 -17.49 -60.06
CA GLY A 247 2.87 -16.51 -60.45
C GLY A 247 3.74 -17.02 -61.60
N LEU A 248 4.33 -18.20 -61.46
CA LEU A 248 5.24 -18.82 -62.46
C LEU A 248 4.45 -19.15 -63.73
N LYS A 249 3.18 -19.53 -63.61
CA LYS A 249 2.30 -19.83 -64.78
C LYS A 249 2.00 -18.54 -65.57
N GLN A 250 1.64 -17.44 -64.88
CA GLN A 250 1.36 -16.11 -65.49
C GLN A 250 2.65 -15.56 -66.11
N GLN A 251 3.79 -15.74 -65.43
CA GLN A 251 5.15 -15.36 -65.89
C GLN A 251 5.46 -15.97 -67.28
N LYS A 252 5.38 -17.29 -67.41
CA LYS A 252 5.62 -17.99 -68.70
C LYS A 252 4.32 -18.65 -69.11
N ILE A 258 9.79 -22.90 -67.47
CA ILE A 258 8.30 -23.05 -67.35
C ILE A 258 7.99 -24.47 -66.84
N GLU A 259 7.68 -25.38 -67.76
CA GLU A 259 6.86 -26.59 -67.45
C GLU A 259 7.62 -27.40 -66.40
N GLU A 260 8.92 -27.67 -66.55
CA GLU A 260 9.75 -28.45 -65.60
C GLU A 260 9.67 -27.79 -64.21
N GLU A 261 10.00 -26.49 -64.15
CA GLU A 261 10.06 -25.72 -62.87
C GLU A 261 8.65 -25.64 -62.25
N VAL A 262 7.61 -25.39 -63.03
CA VAL A 262 6.19 -25.32 -62.54
C VAL A 262 5.81 -26.68 -61.95
N ALA A 263 6.14 -27.79 -62.62
CA ALA A 263 5.88 -29.18 -62.13
C ALA A 263 6.54 -29.36 -60.76
N LYS A 264 7.81 -29.00 -60.60
CA LYS A 264 8.55 -29.06 -59.32
C LYS A 264 7.79 -28.27 -58.24
N LEU A 265 7.27 -27.08 -58.56
CA LEU A 265 6.51 -26.20 -57.64
C LEU A 265 5.14 -26.85 -57.29
N LEU A 266 4.53 -27.60 -58.20
CA LEU A 266 3.26 -28.35 -57.96
C LEU A 266 3.55 -29.49 -56.98
N LYS A 267 4.69 -30.18 -57.12
CA LYS A 267 5.17 -31.18 -56.12
C LYS A 267 5.31 -30.53 -54.72
N LEU A 268 5.89 -29.33 -54.65
CA LEU A 268 6.01 -28.55 -53.38
C LEU A 268 4.62 -28.29 -52.78
N LYS A 269 3.65 -27.82 -53.57
CA LYS A 269 2.26 -27.51 -53.11
C LYS A 269 1.64 -28.78 -52.53
N ALA A 270 1.80 -29.90 -53.23
CA ALA A 270 1.23 -31.22 -52.85
C ALA A 270 1.83 -31.66 -51.49
N GLN A 271 3.14 -31.47 -51.31
CA GLN A 271 3.89 -31.78 -50.06
C GLN A 271 3.30 -30.98 -48.89
N GLY B 18 39.47 13.09 -10.26
CA GLY B 18 39.42 12.99 -8.78
C GLY B 18 38.68 11.74 -8.31
N PRO B 19 38.37 11.60 -7.00
CA PRO B 19 37.67 10.43 -6.48
C PRO B 19 36.17 10.44 -6.86
N SER B 20 35.59 9.25 -7.02
CA SER B 20 34.17 9.03 -7.39
C SER B 20 33.45 8.31 -6.25
N VAL B 21 32.20 8.71 -5.99
CA VAL B 21 31.34 8.12 -4.92
C VAL B 21 30.21 7.32 -5.56
N PHE B 22 30.06 6.05 -5.18
CA PHE B 22 28.85 5.23 -5.44
C PHE B 22 28.11 4.93 -4.14
N LEU B 23 26.78 4.98 -4.19
CA LEU B 23 25.90 4.61 -3.06
C LEU B 23 24.99 3.47 -3.52
N PHE B 24 25.01 2.34 -2.84
CA PHE B 24 24.24 1.12 -3.22
C PHE B 24 23.19 0.80 -2.16
N PRO B 25 21.98 0.36 -2.57
CA PRO B 25 20.90 0.10 -1.62
C PRO B 25 21.08 -1.28 -1.00
N PRO B 26 20.30 -1.63 0.05
CA PRO B 26 20.39 -2.96 0.66
C PRO B 26 19.86 -4.04 -0.28
N LYS B 27 20.35 -5.28 -0.10
CA LYS B 27 19.86 -6.46 -0.86
C LYS B 27 18.37 -6.63 -0.55
N PRO B 28 17.52 -6.87 -1.56
CA PRO B 28 16.07 -6.90 -1.33
C PRO B 28 15.68 -7.91 -0.24
N LYS B 29 16.27 -9.09 -0.26
CA LYS B 29 15.98 -10.18 0.72
C LYS B 29 16.26 -9.68 2.15
N ASP B 30 17.30 -8.87 2.35
CA ASP B 30 17.74 -8.36 3.68
C ASP B 30 16.72 -7.34 4.23
N THR B 31 16.00 -6.60 3.39
CA THR B 31 15.01 -5.60 3.85
C THR B 31 13.71 -6.30 4.27
N LEU B 32 13.49 -7.55 3.82
CA LEU B 32 12.16 -8.22 3.88
C LEU B 32 12.11 -9.22 5.05
N MET B 33 13.17 -10.03 5.24
CA MET B 33 13.33 -10.90 6.43
C MET B 33 13.87 -10.07 7.61
N ILE B 34 13.19 -10.15 8.77
CA ILE B 34 13.58 -9.43 10.02
C ILE B 34 14.84 -10.09 10.62
N SER B 35 15.11 -11.34 10.28
CA SER B 35 16.32 -12.10 10.73
C SER B 35 17.61 -11.54 10.11
N ARG B 36 17.52 -10.75 9.04
CA ARG B 36 18.72 -10.30 8.27
C ARG B 36 18.98 -8.81 8.51
N THR B 37 20.18 -8.36 8.15
CA THR B 37 20.68 -6.98 8.43
C THR B 37 20.83 -6.23 7.12
N PRO B 38 19.84 -5.39 6.75
CA PRO B 38 19.96 -4.57 5.56
C PRO B 38 20.99 -3.45 5.81
N GLU B 39 21.82 -3.18 4.81
CA GLU B 39 22.83 -2.09 4.91
C GLU B 39 22.93 -1.34 3.57
N VAL B 40 23.06 -0.03 3.67
CA VAL B 40 23.44 0.89 2.56
C VAL B 40 24.97 0.96 2.51
N THR B 41 25.56 0.92 1.31
CA THR B 41 27.03 0.90 1.11
C THR B 41 27.44 2.14 0.32
N CYS B 42 28.36 2.92 0.88
CA CYS B 42 28.98 4.11 0.22
C CYS B 42 30.41 3.73 -0.16
N VAL B 43 30.71 3.66 -1.46
CA VAL B 43 32.04 3.29 -1.99
C VAL B 43 32.69 4.51 -2.60
N VAL B 44 33.90 4.84 -2.17
CA VAL B 44 34.76 5.90 -2.79
C VAL B 44 35.90 5.19 -3.51
N VAL B 45 36.08 5.45 -4.81
CA VAL B 45 37.20 4.89 -5.63
C VAL B 45 38.07 6.04 -6.12
N ASP B 46 39.30 5.72 -6.56
CA ASP B 46 40.27 6.66 -7.18
C ASP B 46 40.66 7.75 -6.17
N VAL B 47 40.93 7.33 -4.93
CA VAL B 47 41.49 8.19 -3.84
C VAL B 47 43.02 8.16 -3.97
N SER B 48 43.68 9.30 -4.17
CA SER B 48 45.17 9.41 -4.28
C SER B 48 45.82 9.03 -2.95
N HIS B 49 46.91 8.26 -2.93
CA HIS B 49 47.64 7.99 -1.66
C HIS B 49 48.40 9.25 -1.23
N GLU B 50 48.44 10.30 -2.06
CA GLU B 50 48.91 11.67 -1.69
C GLU B 50 48.03 12.26 -0.59
N ASP B 51 46.71 12.30 -0.78
CA ASP B 51 45.69 12.75 0.21
C ASP B 51 44.67 11.65 0.45
N PRO B 52 45.02 10.57 1.19
CA PRO B 52 44.19 9.37 1.25
C PRO B 52 43.17 9.32 2.41
N GLU B 53 43.12 10.37 3.22
CA GLU B 53 42.16 10.49 4.34
C GLU B 53 40.78 10.85 3.77
N VAL B 54 39.75 10.11 4.17
CA VAL B 54 38.35 10.32 3.71
C VAL B 54 37.44 10.23 4.93
N LYS B 55 36.61 11.25 5.16
CA LYS B 55 35.61 11.24 6.26
C LYS B 55 34.22 11.04 5.64
N PHE B 56 33.47 10.05 6.15
CA PHE B 56 32.05 9.77 5.81
C PHE B 56 31.13 10.41 6.85
N ASN B 57 30.16 11.22 6.40
CA ASN B 57 29.02 11.68 7.22
C ASN B 57 27.75 11.08 6.65
N TRP B 58 26.93 10.46 7.48
CA TRP B 58 25.66 9.80 7.06
C TRP B 58 24.48 10.59 7.62
N TYR B 59 23.43 10.77 6.83
CA TYR B 59 22.19 11.49 7.20
C TYR B 59 20.96 10.68 6.81
N VAL B 60 20.00 10.54 7.71
CA VAL B 60 18.70 9.86 7.49
C VAL B 60 17.60 10.93 7.57
N ASP B 61 17.05 11.31 6.42
CA ASP B 61 16.03 12.40 6.27
C ASP B 61 16.58 13.70 6.85
N GLY B 62 17.81 14.06 6.46
CA GLY B 62 18.48 15.32 6.87
C GLY B 62 19.22 15.18 8.19
N VAL B 63 18.87 14.18 9.01
CA VAL B 63 19.34 14.00 10.41
C VAL B 63 20.60 13.13 10.42
N GLU B 64 21.73 13.67 10.86
CA GLU B 64 23.03 12.94 10.91
C GLU B 64 22.89 11.73 11.85
N VAL B 65 23.52 10.61 11.51
CA VAL B 65 23.56 9.34 12.29
C VAL B 65 25.02 8.87 12.32
N HIS B 66 25.38 8.01 13.29
CA HIS B 66 26.79 7.79 13.71
C HIS B 66 27.12 6.29 13.82
N ASN B 67 26.28 5.40 13.28
CA ASN B 67 26.39 3.93 13.50
C ASN B 67 27.14 3.26 12.35
N ALA B 68 27.69 4.04 11.40
CA ALA B 68 28.34 3.51 10.17
C ALA B 68 29.66 2.85 10.52
N LYS B 69 29.95 1.70 9.92
CA LYS B 69 31.21 0.95 10.09
C LYS B 69 32.08 1.17 8.84
N THR B 70 33.26 1.78 8.95
CA THR B 70 34.19 1.97 7.80
C THR B 70 35.15 0.77 7.75
N LYS B 71 35.19 0.07 6.61
CA LYS B 71 36.19 -0.98 6.29
C LYS B 71 37.57 -0.32 6.15
N PRO B 72 38.67 -1.09 6.02
CA PRO B 72 40.01 -0.55 6.18
C PRO B 72 40.42 0.50 5.14
N ARG B 73 40.69 0.07 3.90
CA ARG B 73 41.35 0.84 2.80
C ARG B 73 42.02 -0.24 1.94
N GLU B 74 41.80 -0.24 0.63
CA GLU B 74 42.31 -1.30 -0.29
C GLU B 74 43.02 -0.64 -1.48
N GLU B 75 44.33 -0.44 -1.39
CA GLU B 75 45.18 -0.01 -2.55
C GLU B 75 44.69 -0.78 -3.78
N GLN B 76 44.23 -0.06 -4.81
CA GLN B 76 43.78 -0.59 -6.13
C GLN B 76 45.02 -0.81 -6.99
N TYR B 77 44.88 -1.48 -8.14
CA TYR B 77 45.97 -1.81 -9.09
C TYR B 77 46.63 -0.51 -9.63
N ASN B 78 45.87 0.57 -9.76
CA ASN B 78 46.33 1.84 -10.36
C ASN B 78 46.94 2.74 -9.27
N SER B 79 47.45 2.16 -8.19
CA SER B 79 48.07 2.87 -7.05
C SER B 79 47.20 4.06 -6.58
N THR B 80 45.89 3.79 -6.44
CA THR B 80 44.89 4.63 -5.74
C THR B 80 44.17 3.77 -4.69
N TYR B 81 43.42 4.40 -3.81
CA TYR B 81 42.71 3.73 -2.68
C TYR B 81 41.21 3.65 -2.98
N ARG B 82 40.59 2.54 -2.57
CA ARG B 82 39.12 2.35 -2.51
C ARG B 82 38.75 2.26 -1.03
N VAL B 83 37.81 3.09 -0.57
CA VAL B 83 37.32 3.08 0.84
C VAL B 83 35.81 2.86 0.84
N VAL B 84 35.33 1.94 1.68
CA VAL B 84 33.89 1.58 1.76
C VAL B 84 33.37 1.86 3.17
N SER B 85 32.22 2.52 3.29
CA SER B 85 31.49 2.73 4.57
C SER B 85 30.12 2.06 4.46
N VAL B 86 29.77 1.25 5.46
CA VAL B 86 28.53 0.44 5.47
C VAL B 86 27.65 0.94 6.62
N LEU B 87 26.45 1.39 6.31
CA LEU B 87 25.46 1.86 7.30
C LEU B 87 24.36 0.81 7.41
N THR B 88 24.22 0.19 8.59
CA THR B 88 23.08 -0.69 8.93
C THR B 88 21.85 0.22 9.03
N VAL B 89 20.72 -0.22 8.46
CA VAL B 89 19.45 0.56 8.47
C VAL B 89 18.40 -0.30 9.17
N LEU B 90 17.34 0.35 9.66
CA LEU B 90 16.13 -0.34 10.20
C LEU B 90 15.23 -0.70 9.01
N HIS B 91 14.86 -1.99 8.91
CA HIS B 91 13.91 -2.53 7.90
C HIS B 91 12.81 -1.49 7.65
N GLN B 92 12.18 -1.00 8.71
CA GLN B 92 10.98 -0.12 8.69
C GLN B 92 11.38 1.20 8.01
N ASP B 93 12.54 1.76 8.37
CA ASP B 93 13.04 3.06 7.87
C ASP B 93 13.18 3.00 6.34
N TRP B 94 13.85 1.95 5.85
CA TRP B 94 14.10 1.75 4.41
C TRP B 94 12.77 1.63 3.66
N LEU B 95 11.88 0.76 4.14
CA LEU B 95 10.58 0.43 3.49
C LEU B 95 9.62 1.62 3.58
N ASN B 96 9.76 2.49 4.60
CA ASN B 96 8.92 3.71 4.76
C ASN B 96 9.41 4.81 3.82
N GLY B 97 10.55 4.61 3.15
CA GLY B 97 11.03 5.47 2.05
C GLY B 97 11.94 6.58 2.53
N LYS B 98 12.52 6.44 3.72
CA LYS B 98 13.49 7.41 4.30
C LYS B 98 14.67 7.56 3.35
N GLU B 99 15.14 8.79 3.15
CA GLU B 99 16.30 9.14 2.29
C GLU B 99 17.59 9.00 3.10
N TYR B 100 18.56 8.27 2.56
CA TYR B 100 19.90 8.04 3.14
C TYR B 100 20.90 8.83 2.30
N LYS B 101 21.63 9.75 2.93
CA LYS B 101 22.65 10.60 2.29
C LYS B 101 24.03 10.22 2.82
N CYS B 102 24.97 10.03 1.92
CA CYS B 102 26.41 9.81 2.19
C CYS B 102 27.16 11.06 1.72
N LYS B 103 27.80 11.77 2.64
CA LYS B 103 28.69 12.94 2.34
C LYS B 103 30.13 12.47 2.52
N VAL B 104 30.96 12.64 1.48
CA VAL B 104 32.39 12.25 1.49
C VAL B 104 33.25 13.53 1.43
N SER B 105 34.11 13.72 2.43
CA SER B 105 35.08 14.83 2.49
C SER B 105 36.50 14.27 2.34
N ASN B 106 37.31 14.94 1.52
CA ASN B 106 38.69 14.53 1.19
C ASN B 106 39.43 15.79 0.74
N LYS B 107 40.70 15.93 1.13
CA LYS B 107 41.45 17.20 0.93
C LYS B 107 41.66 17.44 -0.57
N ALA B 108 41.72 16.39 -1.37
CA ALA B 108 41.88 16.46 -2.85
C ALA B 108 40.55 16.86 -3.52
N LEU B 109 39.51 17.22 -2.77
CA LEU B 109 38.19 17.60 -3.35
C LEU B 109 37.97 19.09 -3.12
N PRO B 110 37.52 19.84 -4.16
CA PRO B 110 37.12 21.24 -3.98
C PRO B 110 36.02 21.41 -2.93
N ALA B 111 35.08 20.46 -2.87
CA ALA B 111 33.94 20.46 -1.92
C ALA B 111 33.62 19.01 -1.55
N PRO B 112 32.83 18.77 -0.48
CA PRO B 112 32.38 17.42 -0.18
C PRO B 112 31.45 16.91 -1.29
N ILE B 113 31.50 15.61 -1.60
CA ILE B 113 30.55 14.92 -2.54
C ILE B 113 29.42 14.31 -1.72
N GLU B 114 28.18 14.61 -2.09
CA GLU B 114 26.94 14.14 -1.42
C GLU B 114 26.17 13.30 -2.43
N LYS B 115 25.81 12.08 -2.07
CA LYS B 115 24.98 11.16 -2.88
C LYS B 115 23.82 10.73 -1.99
N THR B 116 22.63 10.54 -2.56
CA THR B 116 21.40 10.20 -1.82
C THR B 116 20.79 8.94 -2.42
N ILE B 117 20.14 8.13 -1.60
CA ILE B 117 19.44 6.90 -2.07
C ILE B 117 18.23 6.69 -1.17
N SER B 118 17.13 6.22 -1.74
CA SER B 118 15.93 5.81 -0.99
C SER B 118 15.17 4.78 -1.81
N LYS B 119 14.29 4.02 -1.17
CA LYS B 119 13.40 3.10 -1.89
C LYS B 119 12.58 3.95 -2.88
N ALA B 120 12.22 3.40 -4.03
CA ALA B 120 11.40 4.09 -5.06
C ALA B 120 10.10 4.56 -4.40
N LYS B 121 9.64 5.75 -4.76
CA LYS B 121 8.35 6.29 -4.28
C LYS B 121 7.23 5.80 -5.21
N GLY B 122 6.02 5.56 -4.71
CA GLY B 122 4.90 5.08 -5.54
C GLY B 122 4.08 4.07 -4.78
N GLN B 123 2.80 3.89 -5.15
CA GLN B 123 1.89 2.92 -4.51
C GLN B 123 2.50 1.53 -4.66
N PRO B 124 2.92 0.86 -3.58
CA PRO B 124 3.36 -0.54 -3.66
C PRO B 124 2.22 -1.44 -4.14
N ARG B 125 2.53 -2.37 -5.04
CA ARG B 125 1.56 -3.27 -5.72
C ARG B 125 2.03 -4.72 -5.52
N GLU B 126 1.09 -5.60 -5.20
CA GLU B 126 1.33 -7.02 -4.85
C GLU B 126 1.73 -7.77 -6.13
N PRO B 127 2.85 -8.53 -6.12
CA PRO B 127 3.20 -9.36 -7.27
C PRO B 127 2.20 -10.50 -7.47
N GLN B 128 1.85 -10.80 -8.72
CA GLN B 128 1.09 -12.00 -9.11
C GLN B 128 2.09 -13.05 -9.62
N VAL B 129 2.08 -14.24 -9.04
CA VAL B 129 3.05 -15.32 -9.34
C VAL B 129 2.34 -16.43 -10.13
N TYR B 130 2.89 -16.78 -11.29
CA TYR B 130 2.34 -17.78 -12.23
C TYR B 130 3.46 -18.75 -12.61
N THR B 131 3.28 -20.05 -12.36
CA THR B 131 4.24 -21.10 -12.81
C THR B 131 3.77 -21.62 -14.17
N LEU B 132 4.71 -21.87 -15.07
CA LEU B 132 4.45 -22.33 -16.45
C LEU B 132 5.24 -23.59 -16.69
N PRO B 133 4.60 -24.71 -17.06
CA PRO B 133 5.32 -25.93 -17.40
C PRO B 133 6.14 -25.77 -18.67
N PRO B 134 7.01 -26.74 -19.00
CA PRO B 134 7.81 -26.69 -20.22
C PRO B 134 6.94 -26.69 -21.48
N SER B 135 7.36 -25.96 -22.51
CA SER B 135 6.87 -26.09 -23.91
C SER B 135 6.91 -27.57 -24.31
N ARG B 136 5.90 -28.04 -25.04
CA ARG B 136 5.91 -29.43 -25.58
C ARG B 136 7.18 -29.65 -26.41
N ASP B 137 7.59 -28.65 -27.21
CA ASP B 137 8.81 -28.70 -28.06
C ASP B 137 10.06 -29.00 -27.24
N GLU B 138 10.11 -28.58 -25.97
CA GLU B 138 11.32 -28.71 -25.12
C GLU B 138 11.42 -30.12 -24.54
N LEU B 139 10.32 -30.90 -24.51
CA LEU B 139 10.28 -32.25 -23.90
C LEU B 139 11.06 -33.25 -24.78
N THR B 140 11.47 -32.89 -25.98
CA THR B 140 12.36 -33.74 -26.82
C THR B 140 13.79 -33.69 -26.23
N LYS B 141 14.18 -32.58 -25.60
CA LYS B 141 15.57 -32.36 -25.09
C LYS B 141 15.76 -33.06 -23.73
N ASN B 142 17.00 -33.12 -23.24
CA ASN B 142 17.43 -33.87 -22.02
C ASN B 142 17.09 -33.11 -20.74
N GLN B 143 17.21 -31.78 -20.78
CA GLN B 143 16.84 -30.85 -19.69
C GLN B 143 15.61 -30.04 -20.10
N VAL B 144 14.73 -29.72 -19.14
CA VAL B 144 13.55 -28.85 -19.40
C VAL B 144 13.59 -27.62 -18.49
N SER B 145 12.86 -26.58 -18.90
CA SER B 145 12.76 -25.27 -18.23
C SER B 145 11.40 -25.18 -17.55
N LEU B 146 11.42 -25.02 -16.24
CA LEU B 146 10.23 -24.61 -15.46
C LEU B 146 10.31 -23.10 -15.33
N THR B 147 9.22 -22.41 -15.68
CA THR B 147 9.17 -20.94 -15.78
C THR B 147 8.26 -20.40 -14.68
N CYS B 148 8.72 -19.37 -14.00
CA CYS B 148 7.94 -18.59 -13.02
C CYS B 148 7.84 -17.14 -13.50
N LEU B 149 6.63 -16.68 -13.81
CA LEU B 149 6.34 -15.30 -14.17
C LEU B 149 5.86 -14.59 -12.90
N VAL B 150 6.54 -13.52 -12.51
CA VAL B 150 6.15 -12.62 -11.39
C VAL B 150 5.90 -11.25 -12.02
N LYS B 151 4.67 -10.75 -11.95
CA LYS B 151 4.28 -9.50 -12.65
C LYS B 151 3.36 -8.61 -11.81
N GLY B 152 3.27 -7.35 -12.21
CA GLY B 152 2.39 -6.34 -11.60
C GLY B 152 2.87 -5.89 -10.24
N PHE B 153 4.17 -6.00 -9.94
CA PHE B 153 4.71 -5.60 -8.62
C PHE B 153 5.32 -4.21 -8.68
N TYR B 154 5.28 -3.55 -7.52
CA TYR B 154 5.94 -2.25 -7.27
C TYR B 154 6.29 -2.15 -5.79
N PRO B 155 7.47 -1.60 -5.42
CA PRO B 155 8.54 -1.25 -6.36
C PRO B 155 9.29 -2.50 -6.84
N SER B 156 10.41 -2.31 -7.56
CA SER B 156 11.16 -3.36 -8.29
C SER B 156 11.93 -4.28 -7.34
N ASP B 157 12.08 -3.91 -6.07
CA ASP B 157 12.88 -4.69 -5.08
C ASP B 157 12.13 -5.99 -4.77
N ILE B 158 12.73 -7.15 -5.07
CA ILE B 158 12.06 -8.48 -5.00
C ILE B 158 13.12 -9.58 -4.91
N ALA B 159 12.78 -10.75 -4.39
CA ALA B 159 13.68 -11.92 -4.28
C ALA B 159 12.91 -13.18 -4.70
N VAL B 160 13.49 -13.99 -5.56
CA VAL B 160 12.84 -15.20 -6.15
C VAL B 160 13.82 -16.36 -6.08
N GLU B 161 13.37 -17.50 -5.54
CA GLU B 161 14.16 -18.75 -5.50
C GLU B 161 13.22 -19.91 -5.86
N TRP B 162 13.81 -21.03 -6.22
CA TRP B 162 13.08 -22.30 -6.44
C TRP B 162 13.47 -23.33 -5.38
N GLU B 163 12.48 -24.12 -4.98
CA GLU B 163 12.62 -25.25 -4.04
C GLU B 163 12.08 -26.52 -4.69
N SER B 164 12.57 -27.64 -4.22
CA SER B 164 11.98 -28.98 -4.41
C SER B 164 12.20 -29.75 -3.11
N ASN B 165 11.13 -30.28 -2.52
CA ASN B 165 11.21 -31.08 -1.27
C ASN B 165 12.00 -30.25 -0.25
N GLY B 166 11.58 -28.98 -0.06
CA GLY B 166 12.06 -28.03 0.97
C GLY B 166 13.56 -27.76 0.89
N GLN B 167 14.15 -27.82 -0.29
CA GLN B 167 15.59 -27.59 -0.52
C GLN B 167 15.75 -26.69 -1.73
N PRO B 168 16.61 -25.64 -1.65
CA PRO B 168 16.92 -24.82 -2.82
C PRO B 168 17.46 -25.67 -3.98
N GLU B 169 16.84 -25.45 -5.16
CA GLU B 169 17.31 -25.96 -6.47
C GLU B 169 18.43 -25.05 -6.92
N ASN B 170 19.52 -25.57 -7.49
CA ASN B 170 20.73 -24.72 -7.65
C ASN B 170 20.93 -24.31 -9.12
N ASN B 171 20.37 -25.07 -10.04
CA ASN B 171 20.40 -24.68 -11.48
C ASN B 171 19.17 -23.82 -11.82
N TYR B 172 19.00 -22.63 -11.22
CA TYR B 172 18.07 -21.59 -11.75
C TYR B 172 18.74 -20.22 -11.89
N LYS B 173 18.23 -19.39 -12.80
CA LYS B 173 18.59 -17.95 -12.94
C LYS B 173 17.29 -17.13 -12.99
N THR B 174 17.34 -15.88 -12.56
CA THR B 174 16.23 -14.91 -12.58
C THR B 174 16.64 -13.69 -13.41
N THR B 175 15.73 -13.15 -14.22
CA THR B 175 15.99 -11.94 -15.04
C THR B 175 15.91 -10.74 -14.11
N PRO B 176 16.56 -9.62 -14.48
CA PRO B 176 16.33 -8.37 -13.79
C PRO B 176 14.89 -7.93 -13.95
N PRO B 177 14.34 -7.14 -13.00
CA PRO B 177 12.98 -6.63 -13.12
C PRO B 177 12.91 -5.77 -14.39
N VAL B 178 11.84 -5.90 -15.16
CA VAL B 178 11.63 -5.07 -16.38
C VAL B 178 10.40 -4.20 -16.15
N LEU B 179 10.46 -2.95 -16.56
CA LEU B 179 9.33 -2.00 -16.44
C LEU B 179 8.28 -2.37 -17.48
N ASP B 180 7.06 -2.64 -17.02
CA ASP B 180 5.91 -3.00 -17.88
C ASP B 180 5.23 -1.70 -18.34
N SER B 181 4.39 -1.78 -19.37
CA SER B 181 3.71 -0.60 -19.98
C SER B 181 2.69 0.00 -19.00
N ASP B 182 2.26 -0.71 -17.97
CA ASP B 182 1.31 -0.15 -16.96
C ASP B 182 2.05 0.51 -15.78
N GLY B 183 3.38 0.65 -15.84
CA GLY B 183 4.19 1.26 -14.77
C GLY B 183 4.54 0.31 -13.63
N SER B 184 4.10 -0.94 -13.65
CA SER B 184 4.55 -1.98 -12.69
C SER B 184 5.75 -2.73 -13.28
N PHE B 185 6.33 -3.66 -12.53
CA PHE B 185 7.49 -4.47 -12.97
C PHE B 185 7.09 -5.94 -13.13
N PHE B 186 7.78 -6.63 -14.02
CA PHE B 186 7.73 -8.10 -14.13
C PHE B 186 9.15 -8.65 -14.26
N LEU B 187 9.29 -9.93 -13.89
CA LEU B 187 10.49 -10.72 -14.23
C LEU B 187 10.07 -12.18 -14.42
N TYR B 188 11.02 -12.97 -14.90
CA TYR B 188 10.89 -14.42 -15.06
C TYR B 188 12.05 -15.07 -14.31
N SER B 189 11.79 -16.19 -13.65
CA SER B 189 12.82 -17.08 -13.09
C SER B 189 12.74 -18.43 -13.80
N LYS B 190 13.88 -18.92 -14.28
CA LYS B 190 13.94 -20.17 -15.08
C LYS B 190 14.72 -21.22 -14.29
N LEU B 191 14.03 -22.28 -13.87
CA LEU B 191 14.65 -23.48 -13.25
C LEU B 191 14.87 -24.53 -14.33
N THR B 192 16.11 -24.99 -14.49
CA THR B 192 16.50 -26.08 -15.42
C THR B 192 16.59 -27.37 -14.62
N VAL B 193 15.90 -28.42 -15.06
CA VAL B 193 15.91 -29.76 -14.39
C VAL B 193 16.03 -30.85 -15.46
N ASP B 194 16.56 -32.02 -15.06
CA ASP B 194 16.61 -33.23 -15.94
C ASP B 194 15.16 -33.61 -16.23
N LYS B 195 14.85 -33.93 -17.50
CA LYS B 195 13.43 -34.09 -17.91
C LYS B 195 12.83 -35.25 -17.11
N SER B 196 13.63 -36.27 -16.77
CA SER B 196 13.23 -37.41 -15.90
C SER B 196 12.54 -36.92 -14.62
N ARG B 197 13.12 -35.93 -13.92
CA ARG B 197 12.61 -35.44 -12.62
C ARG B 197 11.24 -34.80 -12.80
N TRP B 198 11.06 -34.12 -13.93
CA TRP B 198 9.76 -33.47 -14.29
C TRP B 198 8.74 -34.57 -14.53
N GLN B 199 9.09 -35.53 -15.40
CA GLN B 199 8.23 -36.60 -15.95
C GLN B 199 7.69 -37.49 -14.82
N GLN B 200 8.51 -37.66 -13.77
CA GLN B 200 8.20 -38.60 -12.65
C GLN B 200 7.41 -37.84 -11.58
N GLY B 201 6.90 -36.64 -11.89
CA GLY B 201 5.82 -35.99 -11.12
C GLY B 201 6.33 -35.29 -9.88
N ASN B 202 7.62 -34.96 -9.81
CA ASN B 202 8.19 -34.15 -8.69
C ASN B 202 7.49 -32.79 -8.67
N VAL B 203 7.22 -32.28 -7.47
CA VAL B 203 6.69 -30.92 -7.23
C VAL B 203 7.85 -29.95 -7.06
N PHE B 204 7.85 -28.89 -7.87
CA PHE B 204 8.78 -27.73 -7.77
C PHE B 204 7.99 -26.50 -7.36
N SER B 205 8.63 -25.63 -6.57
CA SER B 205 7.99 -24.45 -5.97
C SER B 205 8.79 -23.19 -6.30
N CYS B 206 8.10 -22.18 -6.80
CA CYS B 206 8.65 -20.83 -7.06
C CYS B 206 8.26 -19.97 -5.86
N SER B 207 9.26 -19.45 -5.17
CA SER B 207 9.13 -18.77 -3.87
C SER B 207 9.52 -17.30 -4.03
N VAL B 208 8.63 -16.37 -3.65
CA VAL B 208 8.80 -14.94 -3.96
C VAL B 208 8.67 -14.14 -2.67
N MET B 209 9.63 -13.26 -2.40
CA MET B 209 9.58 -12.30 -1.26
C MET B 209 9.49 -10.88 -1.82
N HIS B 210 8.59 -10.07 -1.29
CA HIS B 210 8.29 -8.69 -1.75
C HIS B 210 7.52 -7.98 -0.63
N GLU B 211 7.70 -6.67 -0.50
CA GLU B 211 7.16 -5.89 0.64
C GLU B 211 5.63 -5.93 0.65
N ALA B 212 4.99 -6.14 -0.51
CA ALA B 212 3.53 -6.02 -0.72
C ALA B 212 2.81 -7.38 -0.55
N LEU B 213 3.54 -8.42 -0.13
CA LEU B 213 2.96 -9.77 0.13
C LEU B 213 2.70 -9.91 1.63
N HIS B 214 1.62 -10.59 2.03
CA HIS B 214 1.36 -10.94 3.45
C HIS B 214 2.58 -11.76 3.91
N ASN B 215 3.18 -11.38 5.04
CA ASN B 215 4.41 -12.01 5.59
C ASN B 215 5.59 -11.79 4.65
N HIS B 216 5.53 -10.82 3.73
CA HIS B 216 6.59 -10.54 2.72
C HIS B 216 6.93 -11.80 1.91
N TYR B 217 5.99 -12.73 1.72
CA TYR B 217 6.28 -14.08 1.18
C TYR B 217 5.03 -14.74 0.56
N THR B 218 5.25 -15.44 -0.55
CA THR B 218 4.26 -16.33 -1.22
C THR B 218 5.06 -17.38 -1.99
N GLN B 219 4.40 -18.48 -2.34
CA GLN B 219 4.99 -19.65 -3.00
C GLN B 219 3.94 -20.14 -4.00
N LYS B 220 4.34 -20.67 -5.15
CA LYS B 220 3.43 -21.28 -6.14
C LYS B 220 4.11 -22.56 -6.59
N SER B 221 3.40 -23.68 -6.62
CA SER B 221 3.94 -25.02 -6.97
C SER B 221 3.51 -25.38 -8.39
N LEU B 222 4.12 -26.43 -8.92
CA LEU B 222 4.08 -26.80 -10.35
C LEU B 222 4.52 -28.25 -10.43
N SER B 223 3.71 -29.13 -11.01
CA SER B 223 4.05 -30.57 -11.18
C SER B 223 3.29 -31.16 -12.37
N LEU B 224 3.81 -32.27 -12.89
CA LEU B 224 3.06 -33.17 -13.80
C LEU B 224 2.15 -34.06 -12.92
N SER B 225 0.85 -34.09 -13.21
CA SER B 225 -0.06 -35.18 -12.76
C SER B 225 -0.88 -35.70 -13.95
N PRO B 226 -1.40 -36.94 -13.85
CA PRO B 226 -2.24 -37.48 -14.90
C PRO B 226 -3.60 -36.75 -14.97
N GLY B 227 -4.17 -36.63 -16.17
CA GLY B 227 -5.47 -35.97 -16.43
C GLY B 227 -6.65 -36.69 -15.76
N LYS B 228 -7.81 -36.68 -16.42
CA LYS B 228 -9.02 -37.42 -15.95
C LYS B 228 -8.95 -38.80 -16.60
N ALA B 229 -8.74 -38.85 -17.91
CA ALA B 229 -8.73 -40.08 -18.75
C ALA B 229 -7.49 -40.93 -18.42
N GLU B 230 -6.36 -40.28 -18.14
CA GLU B 230 -5.08 -40.97 -17.86
C GLU B 230 -5.18 -41.61 -16.47
N ARG B 231 -5.77 -40.91 -15.49
CA ARG B 231 -6.05 -41.45 -14.12
C ARG B 231 -6.85 -42.74 -14.20
N ALA B 232 -7.88 -42.81 -15.04
CA ALA B 232 -8.77 -44.00 -15.22
C ALA B 232 -7.93 -45.22 -15.65
N ALA B 233 -7.13 -45.06 -16.71
CA ALA B 233 -6.23 -46.09 -17.28
C ALA B 233 -5.23 -46.57 -16.21
N LEU B 234 -4.63 -45.62 -15.46
CA LEU B 234 -3.69 -45.91 -14.35
C LEU B 234 -4.39 -46.80 -13.30
N GLU B 235 -5.62 -46.46 -12.91
CA GLU B 235 -6.41 -47.20 -11.89
C GLU B 235 -6.64 -48.63 -12.40
N GLU B 236 -6.95 -48.79 -13.69
CA GLU B 236 -7.20 -50.11 -14.34
C GLU B 236 -5.93 -50.97 -14.24
N LEU B 237 -4.77 -50.40 -14.61
CA LEU B 237 -3.45 -51.09 -14.51
C LEU B 237 -3.17 -51.48 -13.05
N VAL B 238 -3.42 -50.59 -12.10
CA VAL B 238 -3.21 -50.86 -10.64
C VAL B 238 -4.03 -52.10 -10.26
N LYS B 239 -5.32 -52.13 -10.62
CA LYS B 239 -6.25 -53.25 -10.35
C LYS B 239 -5.63 -54.57 -10.84
N LEU B 240 -5.29 -54.62 -12.14
CA LEU B 240 -4.81 -55.83 -12.86
C LEU B 240 -3.46 -56.28 -12.27
N GLN B 241 -2.56 -55.34 -12.01
CA GLN B 241 -1.22 -55.66 -11.44
C GLN B 241 -1.40 -56.13 -10.01
N GLY B 242 -2.33 -55.56 -9.24
CA GLY B 242 -2.69 -56.02 -7.88
C GLY B 242 -3.15 -57.48 -7.90
N GLU B 243 -4.05 -57.82 -8.83
CA GLU B 243 -4.52 -59.21 -9.06
C GLU B 243 -3.32 -60.10 -9.41
N ARG B 244 -2.44 -59.64 -10.29
CA ARG B 244 -1.24 -60.37 -10.78
C ARG B 244 -0.32 -60.67 -9.59
N VAL B 245 -0.04 -59.67 -8.77
CA VAL B 245 0.83 -59.75 -7.56
C VAL B 245 0.20 -60.74 -6.58
N ARG B 246 -1.06 -60.51 -6.18
CA ARG B 246 -1.79 -61.40 -5.24
C ARG B 246 -1.75 -62.83 -5.79
N GLY B 247 -2.00 -63.01 -7.09
CA GLY B 247 -1.90 -64.31 -7.79
C GLY B 247 -0.57 -65.00 -7.55
N LEU B 248 0.53 -64.32 -7.85
CA LEU B 248 1.91 -64.87 -7.72
C LEU B 248 2.22 -65.15 -6.23
N LYS B 249 1.72 -64.30 -5.32
CA LYS B 249 1.93 -64.46 -3.85
C LYS B 249 1.13 -65.67 -3.34
N GLN B 250 -0.14 -65.81 -3.74
CA GLN B 250 -1.06 -66.91 -3.35
C GLN B 250 -0.52 -68.24 -3.90
N GLN B 251 -0.03 -68.19 -5.15
CA GLN B 251 0.80 -69.24 -5.78
C GLN B 251 2.19 -69.15 -5.15
N LYS B 252 3.08 -70.07 -5.50
CA LYS B 252 4.51 -69.98 -5.13
C LYS B 252 5.29 -69.78 -6.43
N ALA B 253 5.75 -68.56 -6.67
CA ALA B 253 6.68 -68.21 -7.77
C ALA B 253 7.89 -67.52 -7.14
N SER B 254 9.01 -67.42 -7.87
CA SER B 254 10.31 -66.87 -7.40
C SER B 254 10.07 -65.54 -6.67
N ALA B 255 10.75 -65.31 -5.55
CA ALA B 255 10.75 -64.00 -4.85
C ALA B 255 11.27 -62.92 -5.81
N GLU B 256 12.18 -63.30 -6.73
CA GLU B 256 12.64 -62.47 -7.89
C GLU B 256 11.43 -61.87 -8.61
N LEU B 257 10.58 -62.74 -9.16
CA LEU B 257 9.43 -62.34 -10.01
C LEU B 257 8.48 -61.50 -9.16
N ILE B 258 8.19 -61.94 -7.93
CA ILE B 258 7.39 -61.14 -6.95
C ILE B 258 8.01 -59.75 -6.80
N GLU B 259 9.31 -59.64 -6.50
CA GLU B 259 10.03 -58.35 -6.32
C GLU B 259 9.70 -57.42 -7.49
N GLU B 260 9.95 -57.87 -8.73
CA GLU B 260 9.76 -57.08 -9.98
C GLU B 260 8.31 -56.60 -10.03
N GLU B 261 7.34 -57.52 -9.94
CA GLU B 261 5.89 -57.25 -10.07
C GLU B 261 5.44 -56.28 -8.95
N VAL B 262 5.86 -56.51 -7.70
CA VAL B 262 5.46 -55.64 -6.55
C VAL B 262 5.99 -54.24 -6.78
N ALA B 263 7.25 -54.11 -7.22
CA ALA B 263 7.91 -52.81 -7.53
C ALA B 263 7.06 -52.05 -8.54
N LYS B 264 6.70 -52.70 -9.66
CA LYS B 264 5.86 -52.10 -10.74
C LYS B 264 4.55 -51.57 -10.14
N LEU B 265 3.90 -52.35 -9.26
CA LEU B 265 2.58 -52.01 -8.67
C LEU B 265 2.73 -50.75 -7.81
N LEU B 266 3.81 -50.69 -7.01
CA LEU B 266 4.11 -49.54 -6.14
C LEU B 266 4.33 -48.28 -6.98
N LYS B 267 5.08 -48.40 -8.07
CA LYS B 267 5.36 -47.26 -8.99
C LYS B 267 4.06 -46.74 -9.61
N LEU B 268 3.17 -47.62 -10.05
CA LEU B 268 1.82 -47.26 -10.58
C LEU B 268 1.05 -46.45 -9.53
N LYS B 269 0.96 -46.94 -8.29
CA LYS B 269 0.16 -46.28 -7.22
C LYS B 269 0.71 -44.86 -6.98
N ALA B 270 2.05 -44.73 -6.99
CA ALA B 270 2.77 -43.46 -6.76
C ALA B 270 2.32 -42.39 -7.78
N GLN B 271 2.12 -42.79 -9.03
CA GLN B 271 1.71 -41.88 -10.15
C GLN B 271 0.34 -41.26 -9.88
N LEU B 272 -0.52 -41.84 -9.05
CA LEU B 272 -1.85 -41.24 -8.70
C LEU B 272 -1.66 -40.10 -7.68
N GLY C 17 -40.75 -15.69 15.65
CA GLY C 17 -40.45 -14.39 16.32
C GLY C 17 -41.72 -13.64 16.71
N GLY C 18 -42.05 -13.63 18.02
CA GLY C 18 -43.08 -12.74 18.60
C GLY C 18 -42.61 -11.28 18.64
N PRO C 19 -43.50 -10.32 18.97
CA PRO C 19 -43.18 -8.91 18.86
C PRO C 19 -42.22 -8.43 19.97
N SER C 20 -41.42 -7.42 19.65
CA SER C 20 -40.44 -6.78 20.58
C SER C 20 -40.83 -5.32 20.80
N VAL C 21 -40.66 -4.81 22.03
CA VAL C 21 -40.96 -3.42 22.43
C VAL C 21 -39.66 -2.68 22.75
N PHE C 22 -39.44 -1.53 22.12
CA PHE C 22 -38.32 -0.60 22.41
C PHE C 22 -38.91 0.76 22.80
N LEU C 23 -38.28 1.39 23.77
CA LEU C 23 -38.71 2.68 24.35
C LEU C 23 -37.54 3.66 24.20
N PHE C 24 -37.75 4.79 23.54
CA PHE C 24 -36.69 5.77 23.22
C PHE C 24 -36.96 7.07 23.98
N PRO C 25 -35.90 7.73 24.48
CA PRO C 25 -36.05 8.97 25.24
C PRO C 25 -36.25 10.13 24.28
N PRO C 26 -36.65 11.31 24.79
CA PRO C 26 -36.78 12.51 23.95
C PRO C 26 -35.43 12.97 23.42
N LYS C 27 -35.44 13.68 22.29
CA LYS C 27 -34.24 14.33 21.70
C LYS C 27 -33.68 15.30 22.73
N PRO C 28 -32.35 15.30 22.96
CA PRO C 28 -31.77 16.11 24.04
C PRO C 28 -32.18 17.58 23.97
N LYS C 29 -32.12 18.15 22.77
CA LYS C 29 -32.49 19.56 22.44
C LYS C 29 -33.89 19.86 22.98
N ASP C 30 -34.83 18.93 22.79
CA ASP C 30 -36.27 19.10 23.11
C ASP C 30 -36.49 19.16 24.63
N THR C 31 -35.67 18.48 25.43
CA THR C 31 -35.83 18.47 26.91
C THR C 31 -35.28 19.77 27.52
N LEU C 32 -34.41 20.48 26.80
CA LEU C 32 -33.56 21.56 27.34
C LEU C 32 -34.15 22.94 27.02
N MET C 33 -34.59 23.16 25.77
CA MET C 33 -35.37 24.36 25.36
C MET C 33 -36.85 24.17 25.74
N ILE C 34 -37.40 25.15 26.46
CA ILE C 34 -38.82 25.16 26.95
C ILE C 34 -39.74 25.42 25.76
N SER C 35 -39.24 26.02 24.68
CA SER C 35 -39.99 26.30 23.42
C SER C 35 -40.34 25.01 22.68
N ARG C 36 -39.70 23.88 22.97
CA ARG C 36 -39.85 22.62 22.19
C ARG C 36 -40.64 21.58 22.98
N THR C 37 -41.11 20.53 22.30
CA THR C 37 -42.00 19.48 22.88
C THR C 37 -41.26 18.15 22.96
N PRO C 38 -40.72 17.81 24.15
CA PRO C 38 -40.05 16.52 24.33
C PRO C 38 -41.09 15.39 24.32
N GLU C 39 -40.76 14.28 23.65
CA GLU C 39 -41.66 13.12 23.59
C GLU C 39 -40.88 11.80 23.70
N VAL C 40 -41.44 10.88 24.47
CA VAL C 40 -40.98 9.47 24.62
C VAL C 40 -41.67 8.64 23.53
N THR C 41 -40.96 7.73 22.88
CA THR C 41 -41.46 6.93 21.74
C THR C 41 -41.39 5.45 22.11
N CYS C 42 -42.52 4.75 22.02
CA CYS C 42 -42.65 3.30 22.21
C CYS C 42 -42.83 2.65 20.83
N VAL C 43 -41.87 1.83 20.42
CA VAL C 43 -41.83 1.16 19.10
C VAL C 43 -42.05 -0.33 19.34
N VAL C 44 -43.03 -0.91 18.67
CA VAL C 44 -43.29 -2.38 18.64
C VAL C 44 -42.90 -2.85 17.24
N VAL C 45 -42.01 -3.85 17.14
CA VAL C 45 -41.55 -4.45 15.86
C VAL C 45 -41.97 -5.91 15.86
N ASP C 46 -42.00 -6.54 14.67
CA ASP C 46 -42.31 -7.98 14.45
C ASP C 46 -43.72 -8.27 14.93
N VAL C 47 -44.67 -7.40 14.58
CA VAL C 47 -46.14 -7.60 14.78
C VAL C 47 -46.66 -8.38 13.56
N SER C 48 -47.26 -9.54 13.80
CA SER C 48 -47.78 -10.46 12.75
C SER C 48 -48.95 -9.79 12.03
N HIS C 49 -49.05 -9.95 10.69
CA HIS C 49 -50.20 -9.54 9.86
C HIS C 49 -51.49 -10.21 10.37
N GLU C 50 -51.34 -11.40 10.97
CA GLU C 50 -52.42 -12.24 11.53
C GLU C 50 -53.16 -11.48 12.64
N ASP C 51 -52.43 -11.00 13.65
CA ASP C 51 -52.97 -10.21 14.81
C ASP C 51 -52.22 -8.88 14.90
N PRO C 52 -52.50 -7.89 14.02
CA PRO C 52 -51.68 -6.69 13.91
C PRO C 52 -52.14 -5.49 14.77
N GLU C 53 -53.18 -5.70 15.57
CA GLU C 53 -53.67 -4.64 16.50
C GLU C 53 -52.76 -4.62 17.72
N VAL C 54 -52.37 -3.43 18.14
CA VAL C 54 -51.58 -3.17 19.37
C VAL C 54 -52.28 -2.09 20.21
N LYS C 55 -52.52 -2.33 21.49
CA LYS C 55 -53.05 -1.32 22.43
C LYS C 55 -51.90 -0.86 23.35
N PHE C 56 -51.67 0.45 23.43
CA PHE C 56 -50.65 1.08 24.30
C PHE C 56 -51.32 1.65 25.54
N ASN C 57 -50.82 1.30 26.72
CA ASN C 57 -51.12 1.99 27.99
C ASN C 57 -49.85 2.69 28.47
N TRP C 58 -49.95 3.98 28.81
CA TRP C 58 -48.81 4.79 29.29
C TRP C 58 -49.01 5.11 30.76
N TYR C 59 -47.92 5.05 31.53
CA TYR C 59 -47.90 5.36 32.98
C TYR C 59 -46.73 6.30 33.26
N VAL C 60 -46.98 7.35 34.04
CA VAL C 60 -45.97 8.31 34.54
C VAL C 60 -45.87 8.11 36.06
N ASP C 61 -44.78 7.48 36.53
CA ASP C 61 -44.57 7.09 37.95
C ASP C 61 -45.76 6.25 38.43
N GLY C 62 -46.16 5.24 37.66
CA GLY C 62 -47.22 4.28 38.01
C GLY C 62 -48.62 4.78 37.68
N VAL C 63 -48.76 6.09 37.42
CA VAL C 63 -50.08 6.77 37.19
C VAL C 63 -50.38 6.77 35.68
N GLU C 64 -51.45 6.12 35.26
CA GLU C 64 -51.85 6.03 33.83
C GLU C 64 -52.16 7.45 33.31
N VAL C 65 -51.80 7.71 32.05
CA VAL C 65 -52.06 8.99 31.32
C VAL C 65 -52.61 8.63 29.94
N HIS C 66 -53.24 9.59 29.24
CA HIS C 66 -54.10 9.33 28.05
C HIS C 66 -53.79 10.29 26.90
N ASN C 67 -52.66 10.99 26.92
CA ASN C 67 -52.34 12.07 25.93
C ASN C 67 -51.48 11.52 24.78
N ALA C 68 -51.28 10.20 24.71
CA ALA C 68 -50.40 9.55 23.72
C ALA C 68 -51.03 9.64 22.33
N LYS C 69 -50.23 9.92 21.30
CA LYS C 69 -50.64 9.92 19.88
C LYS C 69 -50.16 8.62 19.23
N THR C 70 -51.08 7.93 18.55
CA THR C 70 -50.83 6.69 17.78
C THR C 70 -50.42 7.05 16.35
N LYS C 71 -49.25 6.59 15.89
CA LYS C 71 -48.82 6.78 14.49
C LYS C 71 -49.36 5.62 13.69
N PRO C 72 -49.52 5.74 12.36
CA PRO C 72 -50.01 4.63 11.53
C PRO C 72 -48.99 3.49 11.47
N ARG C 73 -49.48 2.25 11.49
CA ARG C 73 -48.71 1.00 11.28
C ARG C 73 -47.96 1.09 9.95
N GLU C 74 -46.77 0.48 9.86
CA GLU C 74 -45.90 0.50 8.66
C GLU C 74 -45.41 -0.93 8.38
N GLU C 75 -45.38 -1.32 7.11
CA GLU C 75 -44.97 -2.67 6.65
C GLU C 75 -43.45 -2.79 6.77
N GLN C 76 -42.94 -3.76 7.55
CA GLN C 76 -41.48 -4.06 7.58
C GLN C 76 -41.14 -4.99 6.41
N TYR C 77 -39.85 -5.11 6.09
CA TYR C 77 -39.35 -5.91 4.94
C TYR C 77 -39.63 -7.39 5.16
N ASN C 78 -39.70 -7.86 6.40
CA ASN C 78 -39.94 -9.29 6.74
C ASN C 78 -41.45 -9.59 6.81
N SER C 79 -42.28 -8.83 6.09
CA SER C 79 -43.76 -9.01 6.05
C SER C 79 -44.35 -9.12 7.46
N THR C 80 -43.92 -8.22 8.36
CA THR C 80 -44.50 -7.95 9.71
C THR C 80 -44.73 -6.43 9.83
N TYR C 81 -45.37 -5.99 10.91
CA TYR C 81 -45.74 -4.56 11.12
C TYR C 81 -44.85 -3.96 12.21
N ARG C 82 -44.51 -2.67 12.04
CA ARG C 82 -43.90 -1.81 13.07
C ARG C 82 -44.92 -0.74 13.48
N VAL C 83 -45.25 -0.66 14.77
CA VAL C 83 -46.32 0.20 15.34
C VAL C 83 -45.73 1.10 16.40
N VAL C 84 -45.97 2.40 16.33
CA VAL C 84 -45.31 3.43 17.18
C VAL C 84 -46.37 4.23 17.95
N SER C 85 -46.12 4.48 19.23
CA SER C 85 -46.91 5.39 20.09
C SER C 85 -45.97 6.47 20.65
N VAL C 86 -46.36 7.74 20.58
CA VAL C 86 -45.54 8.90 21.01
C VAL C 86 -46.25 9.62 22.16
N LEU C 87 -45.60 9.75 23.30
CA LEU C 87 -46.14 10.44 24.49
C LEU C 87 -45.37 11.75 24.71
N THR C 88 -46.07 12.88 24.64
CA THR C 88 -45.54 14.20 25.06
C THR C 88 -45.33 14.17 26.57
N VAL C 89 -44.19 14.70 27.04
CA VAL C 89 -43.84 14.78 28.50
C VAL C 89 -43.58 16.24 28.85
N LEU C 90 -43.67 16.59 30.13
CA LEU C 90 -43.32 17.93 30.65
C LEU C 90 -41.80 17.97 30.91
N HIS C 91 -41.12 18.97 30.34
CA HIS C 91 -39.66 19.25 30.54
C HIS C 91 -39.28 18.92 31.99
N GLN C 92 -40.00 19.46 32.96
CA GLN C 92 -39.67 19.36 34.41
C GLN C 92 -39.77 17.89 34.83
N ASP C 93 -40.82 17.19 34.40
CA ASP C 93 -41.10 15.77 34.76
C ASP C 93 -39.92 14.90 34.30
N TRP C 94 -39.49 15.06 33.05
CA TRP C 94 -38.38 14.27 32.46
C TRP C 94 -37.08 14.53 33.22
N LEU C 95 -36.75 15.80 33.45
CA LEU C 95 -35.48 16.23 34.10
C LEU C 95 -35.49 15.89 35.59
N ASN C 96 -36.67 15.82 36.22
CA ASN C 96 -36.81 15.45 37.65
C ASN C 96 -36.68 13.93 37.81
N GLY C 97 -36.65 13.18 36.71
CA GLY C 97 -36.29 11.75 36.68
C GLY C 97 -37.51 10.84 36.82
N LYS C 98 -38.71 11.35 36.54
CA LYS C 98 -39.97 10.57 36.49
C LYS C 98 -39.82 9.41 35.51
N GLU C 99 -40.29 8.22 35.90
CA GLU C 99 -40.24 6.98 35.09
C GLU C 99 -41.46 6.94 34.17
N TYR C 100 -41.21 6.65 32.90
CA TYR C 100 -42.22 6.54 31.83
C TYR C 100 -42.30 5.07 31.44
N LYS C 101 -43.49 4.48 31.57
CA LYS C 101 -43.71 3.04 31.29
C LYS C 101 -44.69 2.92 30.14
N CYS C 102 -44.33 2.08 29.17
CA CYS C 102 -45.15 1.72 28.00
C CYS C 102 -45.54 0.26 28.17
N LYS C 103 -46.84 -0.03 28.30
CA LYS C 103 -47.40 -1.41 28.33
C LYS C 103 -48.06 -1.70 26.99
N VAL C 104 -47.67 -2.78 26.33
CA VAL C 104 -48.16 -3.18 24.97
C VAL C 104 -48.97 -4.47 25.12
N SER C 105 -50.22 -4.46 24.66
CA SER C 105 -51.11 -5.64 24.54
C SER C 105 -51.32 -5.95 23.05
N ASN C 106 -51.29 -7.23 22.70
CA ASN C 106 -51.43 -7.75 21.32
C ASN C 106 -51.94 -9.18 21.47
N LYS C 107 -52.85 -9.62 20.60
CA LYS C 107 -53.58 -10.90 20.80
C LYS C 107 -52.60 -12.06 20.62
N ALA C 108 -51.53 -11.89 19.85
CA ALA C 108 -50.46 -12.91 19.65
C ALA C 108 -49.55 -12.99 20.89
N LEU C 109 -49.83 -12.28 21.97
CA LEU C 109 -48.99 -12.29 23.20
C LEU C 109 -49.76 -12.98 24.33
N PRO C 110 -49.13 -13.91 25.09
CA PRO C 110 -49.76 -14.47 26.28
C PRO C 110 -50.10 -13.39 27.32
N ALA C 111 -49.25 -12.37 27.44
CA ALA C 111 -49.39 -11.30 28.45
C ALA C 111 -48.94 -9.97 27.84
N PRO C 112 -49.23 -8.83 28.48
CA PRO C 112 -48.68 -7.56 28.03
C PRO C 112 -47.15 -7.53 28.16
N ILE C 113 -46.46 -6.85 27.26
CA ILE C 113 -45.02 -6.43 27.43
C ILE C 113 -44.95 -5.03 28.02
N GLU C 114 -44.14 -4.83 29.05
CA GLU C 114 -43.83 -3.51 29.66
C GLU C 114 -42.36 -3.16 29.37
N LYS C 115 -42.09 -1.92 28.99
CA LYS C 115 -40.73 -1.32 29.04
C LYS C 115 -40.83 -0.02 29.82
N THR C 116 -39.76 0.36 30.51
CA THR C 116 -39.65 1.59 31.32
C THR C 116 -38.44 2.39 30.85
N ILE C 117 -38.50 3.71 30.97
CA ILE C 117 -37.37 4.62 30.65
C ILE C 117 -37.47 5.85 31.56
N SER C 118 -36.33 6.39 31.96
CA SER C 118 -36.22 7.72 32.60
C SER C 118 -34.84 8.29 32.27
N LYS C 119 -34.61 9.57 32.56
CA LYS C 119 -33.28 10.20 32.36
C LYS C 119 -32.23 9.37 33.11
N ALA C 120 -31.03 9.26 32.57
CA ALA C 120 -29.93 8.46 33.15
C ALA C 120 -29.67 8.95 34.56
N LYS C 121 -29.45 8.02 35.49
CA LYS C 121 -29.12 8.36 36.89
C LYS C 121 -27.59 8.46 36.99
N GLY C 122 -27.13 9.26 37.94
CA GLY C 122 -25.71 9.53 38.18
C GLY C 122 -25.51 10.99 38.49
N GLN C 123 -24.43 11.36 39.16
CA GLN C 123 -24.12 12.77 39.50
C GLN C 123 -24.00 13.55 38.19
N PRO C 124 -24.92 14.51 37.88
CA PRO C 124 -24.75 15.36 36.71
C PRO C 124 -23.48 16.20 36.84
N ARG C 125 -22.70 16.31 35.76
CA ARG C 125 -21.42 17.03 35.71
C ARG C 125 -21.50 18.09 34.61
N GLU C 126 -21.04 19.30 34.93
CA GLU C 126 -21.12 20.49 34.06
C GLU C 126 -20.13 20.32 32.91
N PRO C 127 -20.57 20.49 31.65
CA PRO C 127 -19.65 20.45 30.51
C PRO C 127 -18.70 21.63 30.54
N GLN C 128 -17.44 21.39 30.18
CA GLN C 128 -16.43 22.45 29.95
C GLN C 128 -16.31 22.64 28.44
N VAL C 129 -16.47 23.87 27.97
CA VAL C 129 -16.52 24.20 26.51
C VAL C 129 -15.24 24.95 26.14
N TYR C 130 -14.51 24.44 25.16
CA TYR C 130 -13.21 24.97 24.69
C TYR C 130 -13.22 25.12 23.17
N THR C 131 -13.04 26.33 22.65
CA THR C 131 -13.00 26.57 21.18
C THR C 131 -11.54 26.53 20.72
N LEU C 132 -11.29 25.91 19.58
CA LEU C 132 -9.92 25.71 19.03
C LEU C 132 -9.87 26.28 17.62
N PRO C 133 -8.99 27.26 17.36
CA PRO C 133 -8.81 27.78 16.01
C PRO C 133 -8.22 26.73 15.07
N PRO C 134 -8.23 27.01 13.75
CA PRO C 134 -7.66 26.07 12.77
C PRO C 134 -6.16 25.89 12.99
N SER C 135 -5.66 24.67 12.76
CA SER C 135 -4.20 24.36 12.62
C SER C 135 -3.61 25.31 11.58
N ARG C 136 -2.39 25.80 11.80
CA ARG C 136 -1.70 26.66 10.80
C ARG C 136 -1.62 25.90 9.47
N ASP C 137 -1.36 24.59 9.50
CA ASP C 137 -1.28 23.72 8.29
C ASP C 137 -2.58 23.81 7.45
N GLU C 138 -3.74 24.02 8.08
CA GLU C 138 -5.04 24.00 7.37
C GLU C 138 -5.29 25.36 6.67
N LEU C 139 -4.57 26.42 7.03
CA LEU C 139 -4.77 27.79 6.46
C LEU C 139 -4.25 27.84 5.01
N THR C 140 -3.55 26.82 4.51
CA THR C 140 -3.18 26.73 3.08
C THR C 140 -4.44 26.38 2.26
N LYS C 141 -5.40 25.64 2.83
CA LYS C 141 -6.61 25.16 2.12
C LYS C 141 -7.66 26.29 2.00
N ASN C 142 -8.70 26.03 1.22
CA ASN C 142 -9.77 26.97 0.79
C ASN C 142 -10.80 27.15 1.91
N GLN C 143 -11.11 26.05 2.60
CA GLN C 143 -12.02 26.01 3.79
C GLN C 143 -11.18 25.69 5.03
N VAL C 144 -11.56 26.24 6.19
CA VAL C 144 -10.89 25.91 7.48
C VAL C 144 -11.91 25.35 8.46
N SER C 145 -11.42 24.63 9.47
CA SER C 145 -12.22 23.94 10.50
C SER C 145 -12.09 24.72 11.81
N LEU C 146 -13.21 25.20 12.32
CA LEU C 146 -13.30 25.71 13.70
C LEU C 146 -13.79 24.57 14.58
N THR C 147 -13.08 24.29 15.67
CA THR C 147 -13.34 23.13 16.54
C THR C 147 -13.87 23.61 17.89
N CYS C 148 -14.90 22.95 18.38
CA CYS C 148 -15.46 23.12 19.73
C CYS C 148 -15.35 21.79 20.49
N LEU C 149 -14.54 21.75 21.55
CA LEU C 149 -14.41 20.58 22.45
C LEU C 149 -15.34 20.81 23.63
N VAL C 150 -16.26 19.87 23.86
CA VAL C 150 -17.16 19.85 25.05
C VAL C 150 -16.83 18.59 25.82
N LYS C 151 -16.36 18.70 27.06
CA LYS C 151 -15.85 17.53 27.83
C LYS C 151 -16.29 17.57 29.30
N GLY C 152 -16.21 16.40 29.95
CA GLY C 152 -16.45 16.21 31.38
C GLY C 152 -17.91 16.36 31.74
N PHE C 153 -18.83 16.09 30.81
CA PHE C 153 -20.28 16.23 31.07
C PHE C 153 -20.91 14.87 31.40
N TYR C 154 -21.97 14.94 32.20
CA TYR C 154 -22.87 13.80 32.53
C TYR C 154 -24.26 14.34 32.85
N PRO C 155 -25.35 13.68 32.38
CA PRO C 155 -25.28 12.52 31.49
C PRO C 155 -24.97 12.92 30.02
N SER C 156 -25.03 11.97 29.09
CA SER C 156 -24.58 12.14 27.67
C SER C 156 -25.54 13.01 26.86
N ASP C 157 -26.74 13.30 27.36
CA ASP C 157 -27.75 14.11 26.63
C ASP C 157 -27.26 15.56 26.54
N ILE C 158 -27.03 16.06 25.31
CA ILE C 158 -26.41 17.41 25.07
C ILE C 158 -26.78 17.90 23.68
N ALA C 159 -26.77 19.22 23.47
CA ALA C 159 -27.08 19.86 22.18
C ALA C 159 -26.03 20.93 21.91
N VAL C 160 -25.47 20.94 20.71
CA VAL C 160 -24.41 21.88 20.29
C VAL C 160 -24.80 22.48 18.94
N GLU C 161 -24.82 23.80 18.82
CA GLU C 161 -24.92 24.48 17.51
C GLU C 161 -23.87 25.59 17.46
N TRP C 162 -23.63 26.09 16.25
CA TRP C 162 -22.74 27.25 16.00
C TRP C 162 -23.57 28.46 15.53
N GLU C 163 -23.12 29.65 15.91
CA GLU C 163 -23.69 30.97 15.48
C GLU C 163 -22.54 31.84 14.97
N SER C 164 -22.86 32.83 14.16
CA SER C 164 -21.97 33.96 13.77
C SER C 164 -22.84 35.19 13.61
N ASN C 165 -22.50 36.28 14.30
CA ASN C 165 -23.25 37.55 14.19
C ASN C 165 -24.73 37.24 14.43
N GLY C 166 -25.04 36.50 15.52
CA GLY C 166 -26.40 36.18 16.02
C GLY C 166 -27.29 35.47 15.01
N GLN C 167 -26.70 34.65 14.13
CA GLN C 167 -27.42 33.89 13.08
C GLN C 167 -26.84 32.47 13.05
N PRO C 168 -27.68 31.42 13.02
CA PRO C 168 -27.19 30.04 13.00
C PRO C 168 -26.29 29.77 11.79
N GLU C 169 -25.12 29.20 12.03
CA GLU C 169 -24.23 28.60 11.00
C GLU C 169 -24.73 27.20 10.75
N ASN C 170 -24.80 26.76 9.49
CA ASN C 170 -25.47 25.48 9.17
C ASN C 170 -24.43 24.45 8.72
N ASN C 171 -23.23 24.86 8.30
CA ASN C 171 -22.23 23.91 7.73
C ASN C 171 -21.32 23.36 8.84
N TYR C 172 -21.90 22.64 9.80
CA TYR C 172 -21.16 21.97 10.91
C TYR C 172 -21.70 20.57 11.16
N LYS C 173 -20.85 19.71 11.70
CA LYS C 173 -21.19 18.34 12.15
C LYS C 173 -20.66 18.18 13.57
N THR C 174 -21.36 17.40 14.39
CA THR C 174 -21.00 17.09 15.78
C THR C 174 -20.81 15.57 15.91
N THR C 175 -19.78 15.13 16.64
CA THR C 175 -19.55 13.70 16.90
C THR C 175 -20.57 13.25 17.94
N PRO C 176 -20.90 11.95 17.99
CA PRO C 176 -21.67 11.42 19.12
C PRO C 176 -20.86 11.58 20.40
N PRO C 177 -21.52 11.64 21.58
CA PRO C 177 -20.79 11.72 22.84
C PRO C 177 -19.94 10.46 22.96
N VAL C 178 -18.71 10.59 23.44
CA VAL C 178 -17.80 9.43 23.64
C VAL C 178 -17.54 9.30 25.13
N LEU C 179 -17.54 8.06 25.63
CA LEU C 179 -17.26 7.78 27.07
C LEU C 179 -15.77 7.99 27.33
N ASP C 180 -15.45 8.89 28.25
CA ASP C 180 -14.06 9.19 28.66
C ASP C 180 -13.66 8.20 29.76
N SER C 181 -12.36 8.10 30.04
CA SER C 181 -11.80 7.14 31.03
C SER C 181 -12.25 7.48 32.46
N ASP C 182 -12.69 8.71 32.73
CA ASP C 182 -13.17 9.09 34.09
C ASP C 182 -14.68 8.88 34.24
N GLY C 183 -15.37 8.26 33.28
CA GLY C 183 -16.83 7.99 33.34
C GLY C 183 -17.70 9.18 32.92
N SER C 184 -17.11 10.32 32.53
CA SER C 184 -17.84 11.45 31.90
C SER C 184 -17.81 11.27 30.38
N PHE C 185 -18.51 12.15 29.67
CA PHE C 185 -18.56 12.15 28.19
C PHE C 185 -17.84 13.38 27.62
N PHE C 186 -17.29 13.24 26.42
CA PHE C 186 -16.82 14.37 25.59
C PHE C 186 -17.33 14.21 24.15
N LEU C 187 -17.42 15.32 23.44
CA LEU C 187 -17.59 15.33 21.96
C LEU C 187 -16.85 16.52 21.38
N TYR C 188 -16.78 16.53 20.05
CA TYR C 188 -16.26 17.66 19.24
C TYR C 188 -17.33 18.07 18.23
N SER C 189 -17.50 19.36 18.02
CA SER C 189 -18.30 19.94 16.92
C SER C 189 -17.37 20.69 15.97
N LYS C 190 -17.42 20.38 14.67
CA LYS C 190 -16.55 20.99 13.65
C LYS C 190 -17.39 21.85 12.71
N LEU C 191 -17.17 23.17 12.76
CA LEU C 191 -17.75 24.16 11.83
C LEU C 191 -16.76 24.40 10.69
N THR C 192 -17.19 24.18 9.44
CA THR C 192 -16.38 24.45 8.22
C THR C 192 -16.78 25.82 7.66
N VAL C 193 -15.80 26.69 7.42
CA VAL C 193 -16.03 28.07 6.87
C VAL C 193 -14.99 28.36 5.79
N ASP C 194 -15.32 29.26 4.86
CA ASP C 194 -14.38 29.78 3.83
C ASP C 194 -13.26 30.51 4.57
N LYS C 195 -12.01 30.29 4.17
CA LYS C 195 -10.81 30.89 4.81
C LYS C 195 -10.99 32.41 4.97
N SER C 196 -11.57 33.08 3.96
CA SER C 196 -11.83 34.55 3.96
C SER C 196 -12.55 34.97 5.24
N ARG C 197 -13.60 34.24 5.64
CA ARG C 197 -14.45 34.61 6.81
C ARG C 197 -13.62 34.56 8.09
N TRP C 198 -12.74 33.57 8.17
CA TRP C 198 -11.85 33.41 9.35
C TRP C 198 -10.86 34.59 9.38
N GLN C 199 -10.20 34.81 8.24
CA GLN C 199 -9.03 35.73 8.13
C GLN C 199 -9.48 37.18 8.28
N GLN C 200 -10.76 37.47 8.07
CA GLN C 200 -11.39 38.82 8.24
C GLN C 200 -11.61 39.13 9.73
N GLY C 201 -11.45 38.14 10.59
CA GLY C 201 -11.61 38.32 12.04
C GLY C 201 -13.07 38.25 12.47
N ASN C 202 -13.94 37.59 11.68
CA ASN C 202 -15.33 37.28 12.13
C ASN C 202 -15.28 36.47 13.42
N VAL C 203 -16.20 36.79 14.34
CA VAL C 203 -16.40 36.04 15.61
C VAL C 203 -17.47 34.95 15.37
N PHE C 204 -17.11 33.71 15.65
CA PHE C 204 -18.01 32.52 15.67
C PHE C 204 -18.22 32.06 17.10
N SER C 205 -19.38 31.51 17.39
CA SER C 205 -19.80 31.09 18.74
C SER C 205 -20.24 29.63 18.72
N CYS C 206 -19.68 28.85 19.64
CA CYS C 206 -20.11 27.47 19.93
C CYS C 206 -21.08 27.54 21.09
N SER C 207 -22.31 27.09 20.89
CA SER C 207 -23.44 27.22 21.84
C SER C 207 -23.84 25.82 22.34
N VAL C 208 -23.87 25.63 23.66
CA VAL C 208 -24.03 24.28 24.26
C VAL C 208 -25.18 24.30 25.24
N MET C 209 -26.11 23.35 25.11
CA MET C 209 -27.23 23.17 26.06
C MET C 209 -27.07 21.82 26.74
N HIS C 210 -27.20 21.81 28.07
CA HIS C 210 -27.00 20.62 28.93
C HIS C 210 -27.66 20.90 30.28
N GLU C 211 -28.19 19.87 30.93
CA GLU C 211 -29.01 20.03 32.16
C GLU C 211 -28.15 20.63 33.29
N ALA C 212 -26.83 20.44 33.27
CA ALA C 212 -25.88 20.78 34.36
C ALA C 212 -25.26 22.17 34.16
N LEU C 213 -25.70 22.94 33.16
CA LEU C 213 -25.28 24.35 32.96
C LEU C 213 -26.30 25.28 33.59
N HIS C 214 -25.84 26.40 34.16
CA HIS C 214 -26.74 27.48 34.64
C HIS C 214 -27.60 27.89 33.44
N ASN C 215 -28.93 27.89 33.62
CA ASN C 215 -29.93 28.20 32.55
C ASN C 215 -29.85 27.16 31.42
N HIS C 216 -29.30 25.97 31.68
CA HIS C 216 -29.17 24.87 30.68
C HIS C 216 -28.41 25.35 29.44
N TYR C 217 -27.53 26.34 29.56
CA TYR C 217 -26.97 27.05 28.38
C TYR C 217 -25.66 27.75 28.73
N THR C 218 -24.73 27.67 27.79
CA THR C 218 -23.46 28.45 27.77
C THR C 218 -23.04 28.59 26.31
N GLN C 219 -22.18 29.55 26.01
CA GLN C 219 -21.55 29.66 24.68
C GLN C 219 -20.14 30.18 24.86
N LYS C 220 -19.30 29.89 23.90
CA LYS C 220 -17.86 30.26 23.88
C LYS C 220 -17.60 30.79 22.48
N SER C 221 -16.91 31.93 22.38
CA SER C 221 -16.62 32.59 21.10
C SER C 221 -15.17 32.34 20.69
N LEU C 222 -14.86 32.62 19.44
CA LEU C 222 -13.65 32.17 18.73
C LEU C 222 -13.45 33.10 17.54
N SER C 223 -12.30 33.76 17.42
CA SER C 223 -11.94 34.68 16.32
C SER C 223 -10.43 34.71 16.11
N LEU C 224 -9.97 35.24 14.97
CA LEU C 224 -8.54 35.26 14.58
C LEU C 224 -7.64 35.93 15.65
N SER C 225 -7.83 37.19 15.98
CA SER C 225 -7.19 37.77 17.19
C SER C 225 -8.27 37.94 18.24
N PRO C 226 -8.26 37.16 19.34
CA PRO C 226 -9.24 37.34 20.41
C PRO C 226 -9.04 38.69 21.11
N GLY C 227 -7.82 39.25 21.05
CA GLY C 227 -7.45 40.56 21.60
C GLY C 227 -8.16 41.70 20.90
N LYS C 228 -8.36 41.60 19.58
CA LYS C 228 -9.01 42.65 18.74
C LYS C 228 -10.51 42.74 19.11
N ALA C 229 -11.15 41.58 19.28
CA ALA C 229 -12.55 41.43 19.76
C ALA C 229 -12.67 41.86 21.23
N GLU C 230 -11.65 41.63 22.05
CA GLU C 230 -11.64 42.06 23.49
C GLU C 230 -11.55 43.59 23.57
N ARG C 231 -10.66 44.20 22.79
CA ARG C 231 -10.51 45.68 22.67
C ARG C 231 -11.86 46.29 22.22
N ALA C 232 -12.49 45.68 21.21
CA ALA C 232 -13.77 46.12 20.61
C ALA C 232 -14.86 46.14 21.69
N ALA C 233 -15.02 45.02 22.42
CA ALA C 233 -15.98 44.82 23.54
C ALA C 233 -15.78 45.93 24.60
N LEU C 234 -14.52 46.18 24.98
CA LEU C 234 -14.14 47.21 25.98
C LEU C 234 -14.61 48.60 25.50
N GLU C 235 -14.36 48.92 24.22
CA GLU C 235 -14.78 50.23 23.62
C GLU C 235 -16.31 50.37 23.69
N GLU C 236 -17.04 49.27 23.42
CA GLU C 236 -18.53 49.24 23.46
C GLU C 236 -19.01 49.53 24.89
N LEU C 237 -18.42 48.89 25.90
CA LEU C 237 -18.73 49.11 27.35
C LEU C 237 -18.44 50.58 27.70
N VAL C 238 -17.30 51.14 27.26
CA VAL C 238 -16.93 52.56 27.50
C VAL C 238 -18.05 53.47 26.98
N LYS C 239 -18.49 53.24 25.74
CA LYS C 239 -19.58 54.00 25.06
C LYS C 239 -20.83 53.99 25.95
N LEU C 240 -21.31 52.80 26.32
CA LEU C 240 -22.58 52.56 27.09
C LEU C 240 -22.47 53.23 28.47
N GLN C 241 -21.34 53.07 29.17
CA GLN C 241 -21.12 53.67 30.51
C GLN C 241 -21.05 55.20 30.36
N GLY C 242 -20.43 55.71 29.30
CA GLY C 242 -20.35 57.14 28.98
C GLY C 242 -21.69 57.74 28.57
N GLU C 243 -22.66 56.93 28.12
CA GLU C 243 -24.00 57.38 27.63
C GLU C 243 -25.02 57.29 28.77
N ILE C 258 -23.44 59.66 40.54
CA ILE C 258 -22.47 60.72 40.12
C ILE C 258 -21.05 60.20 40.35
N GLU C 259 -20.56 60.24 41.60
CA GLU C 259 -19.24 59.70 42.03
C GLU C 259 -19.01 58.31 41.39
N GLU C 260 -19.90 57.36 41.74
CA GLU C 260 -19.85 55.95 41.29
C GLU C 260 -19.77 55.89 39.76
N GLU C 261 -20.71 56.55 39.09
CA GLU C 261 -20.87 56.57 37.60
C GLU C 261 -19.55 57.09 36.97
N VAL C 262 -19.04 58.25 37.43
CA VAL C 262 -17.82 58.87 36.85
C VAL C 262 -16.64 57.90 37.05
N ALA C 263 -16.50 57.36 38.26
CA ALA C 263 -15.42 56.41 38.62
C ALA C 263 -15.40 55.25 37.63
N LYS C 264 -16.56 54.60 37.42
CA LYS C 264 -16.72 53.43 36.51
C LYS C 264 -16.26 53.82 35.11
N LEU C 265 -16.67 55.01 34.63
CA LEU C 265 -16.39 55.48 33.23
C LEU C 265 -14.87 55.62 33.09
N LEU C 266 -14.23 56.26 34.09
CA LEU C 266 -12.77 56.53 34.09
C LEU C 266 -12.00 55.19 34.12
N LYS C 267 -12.45 54.24 34.94
CA LYS C 267 -11.85 52.89 35.09
C LYS C 267 -11.87 52.15 33.74
N LEU C 268 -13.01 52.17 33.03
CA LEU C 268 -13.15 51.55 31.68
C LEU C 268 -12.16 52.19 30.70
N LYS C 269 -12.07 53.52 30.66
CA LYS C 269 -11.15 54.25 29.74
C LYS C 269 -9.70 53.83 30.04
N ALA C 270 -9.34 53.73 31.32
CA ALA C 270 -8.00 53.33 31.82
C ALA C 270 -7.67 51.92 31.30
N GLN C 271 -8.63 50.98 31.37
CA GLN C 271 -8.48 49.58 30.84
C GLN C 271 -8.22 49.63 29.33
N LEU C 272 -8.97 50.49 28.64
CA LEU C 272 -8.87 50.69 27.16
C LEU C 272 -7.72 51.67 26.87
N GLY D 18 -35.98 -17.45 15.45
CA GLY D 18 -34.91 -18.44 15.15
C GLY D 18 -33.51 -17.84 15.32
N PRO D 19 -32.46 -18.44 14.72
CA PRO D 19 -31.10 -17.93 14.86
C PRO D 19 -30.87 -16.64 14.05
N SER D 20 -29.96 -15.78 14.52
CA SER D 20 -29.53 -14.53 13.85
C SER D 20 -28.07 -14.64 13.42
N VAL D 21 -27.77 -14.14 12.22
CA VAL D 21 -26.38 -14.11 11.65
C VAL D 21 -25.89 -12.67 11.63
N PHE D 22 -24.73 -12.42 12.24
CA PHE D 22 -23.95 -11.17 12.06
C PHE D 22 -22.65 -11.47 11.30
N LEU D 23 -22.29 -10.59 10.36
CA LEU D 23 -21.02 -10.65 9.61
C LEU D 23 -20.26 -9.36 9.92
N PHE D 24 -19.03 -9.47 10.44
CA PHE D 24 -18.20 -8.32 10.83
C PHE D 24 -16.97 -8.21 9.94
N PRO D 25 -16.56 -6.99 9.56
CA PRO D 25 -15.40 -6.80 8.69
C PRO D 25 -14.12 -6.90 9.51
N PRO D 26 -12.94 -6.98 8.88
CA PRO D 26 -11.67 -7.01 9.61
C PRO D 26 -11.40 -5.67 10.30
N LYS D 27 -10.59 -5.70 11.37
CA LYS D 27 -10.13 -4.48 12.08
C LYS D 27 -9.35 -3.63 11.09
N PRO D 28 -9.57 -2.30 11.04
CA PRO D 28 -8.92 -1.44 10.05
C PRO D 28 -7.39 -1.61 10.07
N LYS D 29 -6.80 -1.63 11.26
CA LYS D 29 -5.33 -1.75 11.45
C LYS D 29 -4.82 -3.02 10.77
N ASP D 30 -5.58 -4.12 10.84
CA ASP D 30 -5.18 -5.45 10.32
C ASP D 30 -5.17 -5.45 8.77
N THR D 31 -6.01 -4.65 8.11
CA THR D 31 -6.05 -4.58 6.63
C THR D 31 -4.87 -3.75 6.09
N LEU D 32 -4.27 -2.89 6.92
CA LEU D 32 -3.33 -1.81 6.50
C LEU D 32 -1.87 -2.23 6.71
N MET D 33 -1.55 -2.84 7.86
CA MET D 33 -0.23 -3.46 8.12
C MET D 33 -0.19 -4.86 7.48
N ILE D 34 0.84 -5.12 6.67
CA ILE D 34 1.08 -6.41 5.96
C ILE D 34 1.51 -7.46 6.99
N SER D 35 2.06 -7.04 8.14
CA SER D 35 2.50 -7.95 9.24
C SER D 35 1.31 -8.61 9.95
N ARG D 36 0.09 -8.10 9.77
CA ARG D 36 -1.10 -8.54 10.56
C ARG D 36 -2.04 -9.36 9.68
N THR D 37 -2.98 -10.09 10.31
CA THR D 37 -3.90 -11.03 9.64
C THR D 37 -5.33 -10.51 9.73
N PRO D 38 -5.83 -9.86 8.66
CA PRO D 38 -7.21 -9.40 8.61
C PRO D 38 -8.13 -10.62 8.48
N GLU D 39 -9.24 -10.62 9.20
CA GLU D 39 -10.23 -11.72 9.15
C GLU D 39 -11.65 -11.17 9.22
N VAL D 40 -12.52 -11.78 8.41
CA VAL D 40 -14.00 -11.58 8.44
C VAL D 40 -14.59 -12.59 9.43
N THR D 41 -15.53 -12.16 10.28
CA THR D 41 -16.12 -13.01 11.35
C THR D 41 -17.63 -13.14 11.10
N CYS D 42 -18.11 -14.38 11.00
CA CYS D 42 -19.54 -14.75 10.88
C CYS D 42 -20.00 -15.31 12.23
N VAL D 43 -20.89 -14.61 12.92
CA VAL D 43 -21.41 -15.01 14.26
C VAL D 43 -22.87 -15.42 14.10
N VAL D 44 -23.21 -16.64 14.55
CA VAL D 44 -24.61 -17.12 14.63
C VAL D 44 -24.97 -17.19 16.12
N VAL D 45 -26.05 -16.51 16.51
CA VAL D 45 -26.57 -16.52 17.90
C VAL D 45 -27.97 -17.14 17.89
N ASP D 46 -28.44 -17.58 19.06
CA ASP D 46 -29.82 -18.11 19.29
C ASP D 46 -30.01 -19.39 18.45
N VAL D 47 -29.01 -20.27 18.48
CA VAL D 47 -29.07 -21.65 17.90
C VAL D 47 -29.65 -22.56 18.98
N SER D 48 -30.77 -23.25 18.72
CA SER D 48 -31.44 -24.16 19.70
C SER D 48 -30.55 -25.38 19.94
N HIS D 49 -30.40 -25.86 21.18
CA HIS D 49 -29.63 -27.12 21.42
C HIS D 49 -30.47 -28.31 20.96
N GLU D 50 -31.75 -28.10 20.59
CA GLU D 50 -32.62 -29.09 19.90
C GLU D 50 -32.03 -29.46 18.53
N ASP D 51 -31.72 -28.47 17.68
CA ASP D 51 -31.06 -28.65 16.35
C ASP D 51 -29.78 -27.81 16.28
N PRO D 52 -28.69 -28.19 16.98
CA PRO D 52 -27.54 -27.31 17.19
C PRO D 52 -26.41 -27.42 16.16
N GLU D 53 -26.59 -28.26 15.13
CA GLU D 53 -25.62 -28.41 14.02
C GLU D 53 -25.72 -27.20 13.09
N VAL D 54 -24.60 -26.54 12.79
CA VAL D 54 -24.56 -25.35 11.92
C VAL D 54 -23.38 -25.50 10.95
N LYS D 55 -23.64 -25.44 9.64
CA LYS D 55 -22.59 -25.55 8.60
C LYS D 55 -22.37 -24.16 8.00
N PHE D 56 -21.12 -23.70 7.96
CA PHE D 56 -20.70 -22.44 7.29
C PHE D 56 -20.13 -22.76 5.91
N ASN D 57 -20.65 -22.09 4.87
CA ASN D 57 -20.04 -22.04 3.52
C ASN D 57 -19.58 -20.61 3.27
N TRP D 58 -18.33 -20.44 2.87
CA TRP D 58 -17.73 -19.11 2.59
C TRP D 58 -17.49 -18.97 1.09
N TYR D 59 -17.77 -17.79 0.53
CA TYR D 59 -17.58 -17.48 -0.90
C TYR D 59 -16.86 -16.13 -1.04
N VAL D 60 -15.84 -16.08 -1.90
CA VAL D 60 -15.10 -14.84 -2.25
C VAL D 60 -15.41 -14.52 -3.72
N ASP D 61 -16.23 -13.50 -3.96
CA ASP D 61 -16.74 -13.09 -5.30
C ASP D 61 -17.42 -14.30 -5.97
N GLY D 62 -18.32 -14.97 -5.23
CA GLY D 62 -19.13 -16.09 -5.73
C GLY D 62 -18.41 -17.43 -5.63
N VAL D 63 -17.08 -17.42 -5.49
CA VAL D 63 -16.20 -18.62 -5.53
C VAL D 63 -16.03 -19.17 -4.10
N GLU D 64 -16.49 -20.41 -3.85
CA GLU D 64 -16.41 -21.05 -2.51
C GLU D 64 -14.93 -21.21 -2.13
N VAL D 65 -14.62 -21.02 -0.85
CA VAL D 65 -13.27 -21.19 -0.23
C VAL D 65 -13.44 -22.02 1.04
N HIS D 66 -12.35 -22.60 1.56
CA HIS D 66 -12.38 -23.69 2.57
C HIS D 66 -11.37 -23.44 3.70
N ASN D 67 -10.84 -22.23 3.84
CA ASN D 67 -9.75 -21.92 4.80
C ASN D 67 -10.31 -21.37 6.11
N ALA D 68 -11.64 -21.36 6.29
CA ALA D 68 -12.31 -20.79 7.47
C ALA D 68 -12.05 -21.68 8.69
N LYS D 69 -11.79 -21.08 9.85
CA LYS D 69 -11.62 -21.79 11.15
C LYS D 69 -12.91 -21.60 11.97
N THR D 70 -13.65 -22.66 12.31
CA THR D 70 -14.84 -22.58 13.18
C THR D 70 -14.40 -22.82 14.62
N LYS D 71 -14.70 -21.87 15.53
CA LYS D 71 -14.60 -22.06 17.00
C LYS D 71 -15.62 -23.10 17.45
N PRO D 72 -15.58 -23.57 18.71
CA PRO D 72 -16.33 -24.77 19.11
C PRO D 72 -17.86 -24.61 19.05
N ARG D 73 -18.43 -23.85 19.98
CA ARG D 73 -19.88 -23.76 20.33
C ARG D 73 -19.89 -23.32 21.80
N GLU D 74 -20.62 -22.25 22.14
CA GLU D 74 -20.61 -21.64 23.50
C GLU D 74 -22.05 -21.45 23.99
N GLU D 75 -22.61 -22.45 24.66
CA GLU D 75 -23.94 -22.36 25.32
C GLU D 75 -24.07 -20.98 25.97
N GLN D 76 -25.05 -20.18 25.53
CA GLN D 76 -25.37 -18.82 26.02
C GLN D 76 -26.22 -18.96 27.30
N TYR D 77 -26.45 -17.86 28.02
CA TYR D 77 -27.24 -17.79 29.28
C TYR D 77 -28.70 -18.23 29.04
N ASN D 78 -29.24 -18.01 27.84
CA ASN D 78 -30.65 -18.30 27.50
C ASN D 78 -30.78 -19.73 26.95
N SER D 79 -29.89 -20.63 27.36
CA SER D 79 -29.88 -22.07 26.94
C SER D 79 -30.04 -22.20 25.41
N THR D 80 -29.28 -21.38 24.66
CA THR D 80 -29.05 -21.49 23.19
C THR D 80 -27.54 -21.47 22.92
N TYR D 81 -27.13 -21.76 21.69
CA TYR D 81 -25.71 -21.83 21.29
C TYR D 81 -25.33 -20.61 20.45
N ARG D 82 -24.10 -20.12 20.64
CA ARG D 82 -23.43 -19.11 19.78
C ARG D 82 -22.28 -19.83 19.06
N VAL D 83 -22.24 -19.77 17.73
CA VAL D 83 -21.17 -20.39 16.90
C VAL D 83 -20.51 -19.32 16.03
N VAL D 84 -19.18 -19.27 16.03
CA VAL D 84 -18.38 -18.23 15.31
C VAL D 84 -17.46 -18.89 14.29
N SER D 85 -17.47 -18.42 13.04
CA SER D 85 -16.56 -18.86 11.97
C SER D 85 -15.72 -17.66 11.51
N VAL D 86 -14.40 -17.81 11.46
CA VAL D 86 -13.43 -16.73 11.17
C VAL D 86 -12.71 -17.10 9.86
N LEU D 87 -12.82 -16.24 8.86
CA LEU D 87 -12.15 -16.42 7.55
C LEU D 87 -11.01 -15.40 7.43
N THR D 88 -9.78 -15.88 7.33
CA THR D 88 -8.60 -15.05 6.99
C THR D 88 -8.77 -14.58 5.55
N VAL D 89 -8.48 -13.31 5.27
CA VAL D 89 -8.60 -12.69 3.92
C VAL D 89 -7.23 -12.14 3.52
N LEU D 90 -7.00 -11.99 2.22
CA LEU D 90 -5.75 -11.42 1.67
C LEU D 90 -5.92 -9.89 1.64
N HIS D 91 -4.98 -9.15 2.25
CA HIS D 91 -5.00 -7.67 2.37
C HIS D 91 -5.51 -7.07 1.05
N GLN D 92 -4.92 -7.50 -0.07
CA GLN D 92 -5.19 -6.91 -1.41
C GLN D 92 -6.64 -7.22 -1.80
N ASP D 93 -7.12 -8.43 -1.54
CA ASP D 93 -8.51 -8.87 -1.87
C ASP D 93 -9.52 -7.94 -1.19
N TRP D 94 -9.35 -7.72 0.12
CA TRP D 94 -10.27 -6.87 0.93
C TRP D 94 -10.25 -5.44 0.39
N LEU D 95 -9.06 -4.87 0.20
CA LEU D 95 -8.85 -3.45 -0.22
C LEU D 95 -9.29 -3.26 -1.67
N ASN D 96 -9.24 -4.31 -2.52
CA ASN D 96 -9.70 -4.23 -3.93
C ASN D 96 -11.23 -4.31 -4.00
N GLY D 97 -11.90 -4.61 -2.88
CA GLY D 97 -13.37 -4.52 -2.76
C GLY D 97 -14.07 -5.82 -3.09
N LYS D 98 -13.36 -6.95 -3.05
CA LYS D 98 -13.93 -8.31 -3.20
C LYS D 98 -15.03 -8.53 -2.14
N GLU D 99 -16.15 -9.13 -2.56
CA GLU D 99 -17.32 -9.44 -1.71
C GLU D 99 -17.10 -10.79 -1.00
N TYR D 100 -17.30 -10.81 0.30
CA TYR D 100 -17.19 -12.01 1.16
C TYR D 100 -18.61 -12.38 1.61
N LYS D 101 -19.03 -13.60 1.28
CA LYS D 101 -20.37 -14.11 1.63
C LYS D 101 -20.23 -15.26 2.63
N CYS D 102 -21.03 -15.21 3.69
CA CYS D 102 -21.18 -16.26 4.72
C CYS D 102 -22.59 -16.86 4.54
N LYS D 103 -22.67 -18.14 4.19
CA LYS D 103 -23.94 -18.90 4.13
C LYS D 103 -24.00 -19.82 5.35
N VAL D 104 -25.08 -19.72 6.13
CA VAL D 104 -25.30 -20.53 7.36
C VAL D 104 -26.48 -21.48 7.10
N SER D 105 -26.25 -22.79 7.22
CA SER D 105 -27.28 -23.84 7.12
C SER D 105 -27.49 -24.45 8.51
N ASN D 106 -28.76 -24.62 8.89
CA ASN D 106 -29.17 -25.16 10.21
C ASN D 106 -30.57 -25.75 10.01
N LYS D 107 -30.84 -26.90 10.65
CA LYS D 107 -32.09 -27.67 10.40
C LYS D 107 -33.30 -26.86 10.87
N ALA D 108 -33.13 -25.99 11.88
CA ALA D 108 -34.20 -25.10 12.41
C ALA D 108 -34.44 -23.91 11.47
N LEU D 109 -33.84 -23.87 10.28
CA LEU D 109 -34.01 -22.75 9.32
C LEU D 109 -34.78 -23.23 8.11
N PRO D 110 -35.79 -22.46 7.64
CA PRO D 110 -36.51 -22.80 6.42
C PRO D 110 -35.58 -22.89 5.20
N ALA D 111 -34.58 -22.01 5.14
CA ALA D 111 -33.55 -21.97 4.07
C ALA D 111 -32.22 -21.55 4.69
N PRO D 112 -31.08 -21.66 3.97
CA PRO D 112 -29.83 -21.12 4.48
C PRO D 112 -29.92 -19.58 4.56
N ILE D 113 -29.28 -18.97 5.57
CA ILE D 113 -29.11 -17.49 5.71
C ILE D 113 -27.77 -17.09 5.08
N GLU D 114 -27.81 -16.11 4.18
CA GLU D 114 -26.64 -15.56 3.46
C GLU D 114 -26.50 -14.11 3.89
N LYS D 115 -25.31 -13.72 4.34
CA LYS D 115 -24.94 -12.32 4.63
C LYS D 115 -23.69 -12.03 3.80
N THR D 116 -23.56 -10.81 3.30
CA THR D 116 -22.42 -10.39 2.44
C THR D 116 -21.77 -9.16 3.07
N ILE D 117 -20.47 -9.00 2.88
CA ILE D 117 -19.71 -7.81 3.35
C ILE D 117 -18.57 -7.54 2.39
N SER D 118 -18.28 -6.27 2.15
CA SER D 118 -17.11 -5.85 1.36
C SER D 118 -16.70 -4.45 1.79
N LYS D 119 -15.46 -4.05 1.49
CA LYS D 119 -15.00 -2.66 1.76
C LYS D 119 -15.95 -1.73 1.00
N ALA D 120 -16.22 -0.54 1.55
CA ALA D 120 -17.05 0.50 0.91
C ALA D 120 -16.48 0.78 -0.48
N LYS D 121 -17.34 0.94 -1.48
CA LYS D 121 -16.92 1.34 -2.85
C LYS D 121 -16.94 2.87 -2.90
N GLY D 122 -16.11 3.47 -3.72
CA GLY D 122 -15.95 4.94 -3.81
C GLY D 122 -14.49 5.30 -3.93
N GLN D 123 -14.20 6.46 -4.53
CA GLN D 123 -12.81 6.97 -4.69
C GLN D 123 -12.21 7.10 -3.29
N PRO D 124 -11.17 6.32 -2.93
CA PRO D 124 -10.42 6.55 -1.69
C PRO D 124 -9.78 7.95 -1.70
N ARG D 125 -9.88 8.65 -0.56
CA ARG D 125 -9.41 10.04 -0.36
C ARG D 125 -8.45 10.07 0.83
N GLU D 126 -7.33 10.78 0.68
CA GLU D 126 -6.21 10.85 1.63
C GLU D 126 -6.66 11.69 2.83
N PRO D 127 -6.52 11.19 4.08
CA PRO D 127 -6.84 11.98 5.26
C PRO D 127 -5.85 13.14 5.42
N GLN D 128 -6.34 14.30 5.84
CA GLN D 128 -5.53 15.46 6.25
C GLN D 128 -5.49 15.44 7.78
N VAL D 129 -4.30 15.47 8.36
CA VAL D 129 -4.09 15.38 9.84
C VAL D 129 -3.65 16.74 10.38
N TYR D 130 -4.38 17.27 11.35
CA TYR D 130 -4.14 18.60 11.96
C TYR D 130 -4.11 18.47 13.49
N THR D 131 -3.01 18.84 14.13
CA THR D 131 -2.90 18.81 15.61
C THR D 131 -3.27 20.18 16.17
N LEU D 132 -4.01 20.22 17.26
CA LEU D 132 -4.50 21.47 17.88
C LEU D 132 -4.08 21.50 19.33
N PRO D 133 -3.33 22.53 19.76
CA PRO D 133 -2.97 22.69 21.16
C PRO D 133 -4.18 22.98 22.03
N PRO D 134 -4.03 22.90 23.37
CA PRO D 134 -5.13 23.17 24.30
C PRO D 134 -5.63 24.60 24.20
N SER D 135 -6.93 24.80 24.36
CA SER D 135 -7.55 26.13 24.60
C SER D 135 -6.82 26.83 25.74
N ARG D 136 -6.61 28.14 25.65
CA ARG D 136 -6.04 28.93 26.77
C ARG D 136 -6.88 28.69 28.03
N ASP D 137 -8.21 28.67 27.90
CA ASP D 137 -9.16 28.45 29.03
C ASP D 137 -8.90 27.12 29.74
N GLU D 138 -8.36 26.10 29.06
CA GLU D 138 -8.13 24.77 29.66
C GLU D 138 -6.84 24.75 30.49
N LEU D 139 -5.94 25.73 30.31
CA LEU D 139 -4.64 25.79 31.03
C LEU D 139 -4.83 26.16 32.51
N THR D 140 -6.04 26.53 32.95
CA THR D 140 -6.36 26.69 34.39
C THR D 140 -6.44 25.30 35.05
N LYS D 141 -6.85 24.26 34.33
CA LYS D 141 -7.06 22.90 34.89
C LYS D 141 -5.72 22.15 35.03
N ASN D 142 -5.75 21.00 35.72
CA ASN D 142 -4.57 20.15 36.09
C ASN D 142 -4.12 19.31 34.90
N GLN D 143 -5.09 18.83 34.12
CA GLN D 143 -4.88 18.05 32.86
C GLN D 143 -5.32 18.90 31.66
N VAL D 144 -4.64 18.76 30.53
CA VAL D 144 -5.02 19.47 29.28
C VAL D 144 -5.25 18.46 28.16
N SER D 145 -5.98 18.90 27.14
CA SER D 145 -6.41 18.07 25.98
C SER D 145 -5.57 18.47 24.77
N LEU D 146 -4.82 17.53 24.23
CA LEU D 146 -4.21 17.66 22.90
C LEU D 146 -5.18 17.04 21.89
N THR D 147 -5.52 17.77 20.84
CA THR D 147 -6.56 17.41 19.86
C THR D 147 -5.90 17.10 18.53
N CYS D 148 -6.30 16.01 17.91
CA CYS D 148 -5.92 15.62 16.53
C CYS D 148 -7.18 15.53 15.67
N LEU D 149 -7.30 16.41 14.68
CA LEU D 149 -8.39 16.39 13.68
C LEU D 149 -7.88 15.61 12.47
N VAL D 150 -8.59 14.55 12.10
CA VAL D 150 -8.33 13.77 10.85
C VAL D 150 -9.57 13.91 9.98
N LYS D 151 -9.45 14.53 8.79
CA LYS D 151 -10.62 14.89 7.95
C LYS D 151 -10.36 14.62 6.47
N GLY D 152 -11.46 14.55 5.71
CA GLY D 152 -11.46 14.38 4.25
C GLY D 152 -11.01 13.02 3.80
N PHE D 153 -11.17 11.98 4.64
CA PHE D 153 -10.75 10.60 4.27
C PHE D 153 -11.94 9.78 3.78
N TYR D 154 -11.63 8.81 2.92
CA TYR D 154 -12.55 7.76 2.41
C TYR D 154 -11.73 6.52 2.05
N PRO D 155 -12.21 5.29 2.35
CA PRO D 155 -13.43 5.08 3.15
C PRO D 155 -13.19 5.32 4.65
N SER D 156 -14.17 4.98 5.51
CA SER D 156 -14.19 5.34 6.95
C SER D 156 -13.22 4.48 7.77
N ASP D 157 -12.66 3.40 7.19
CA ASP D 157 -11.73 2.49 7.89
C ASP D 157 -10.41 3.24 8.17
N ILE D 158 -10.05 3.40 9.44
CA ILE D 158 -8.90 4.24 9.87
C ILE D 158 -8.45 3.81 11.27
N ALA D 159 -7.19 4.08 11.63
CA ALA D 159 -6.61 3.78 12.95
C ALA D 159 -5.77 4.96 13.40
N VAL D 160 -5.96 5.39 14.65
CA VAL D 160 -5.29 6.58 15.23
C VAL D 160 -4.72 6.20 16.60
N GLU D 161 -3.45 6.50 16.86
CA GLU D 161 -2.84 6.38 18.22
C GLU D 161 -1.99 7.62 18.46
N TRP D 162 -1.64 7.86 19.71
CA TRP D 162 -0.72 8.93 20.13
C TRP D 162 0.58 8.34 20.68
N GLU D 163 1.69 9.03 20.43
CA GLU D 163 3.05 8.70 20.91
C GLU D 163 3.66 9.94 21.58
N SER D 164 4.65 9.72 22.44
CA SER D 164 5.58 10.74 22.98
C SER D 164 6.93 10.08 23.14
N ASN D 165 7.98 10.66 22.55
CA ASN D 165 9.37 10.12 22.68
C ASN D 165 9.33 8.61 22.36
N GLY D 166 8.75 8.25 21.21
CA GLY D 166 8.72 6.89 20.63
C GLY D 166 8.11 5.84 21.54
N GLN D 167 7.13 6.24 22.36
CA GLN D 167 6.42 5.34 23.31
C GLN D 167 4.94 5.65 23.21
N PRO D 168 4.04 4.64 23.12
CA PRO D 168 2.61 4.90 23.08
C PRO D 168 2.14 5.64 24.33
N GLU D 169 1.38 6.72 24.14
CA GLU D 169 0.56 7.39 25.19
C GLU D 169 -0.72 6.58 25.29
N ASN D 170 -1.22 6.34 26.50
CA ASN D 170 -2.34 5.39 26.67
C ASN D 170 -3.61 6.14 27.04
N ASN D 171 -3.50 7.37 27.54
CA ASN D 171 -4.66 8.10 28.09
C ASN D 171 -5.31 8.95 26.99
N TYR D 172 -5.81 8.33 25.93
CA TYR D 172 -6.52 9.01 24.82
C TYR D 172 -7.76 8.21 24.39
N LYS D 173 -8.74 8.92 23.84
CA LYS D 173 -9.96 8.36 23.22
C LYS D 173 -10.14 8.97 21.83
N THR D 174 -10.71 8.22 20.90
CA THR D 174 -10.99 8.65 19.52
C THR D 174 -12.49 8.56 19.26
N THR D 175 -13.08 9.54 18.58
CA THR D 175 -14.51 9.53 18.19
C THR D 175 -14.68 8.55 17.03
N PRO D 176 -15.89 7.99 16.83
CA PRO D 176 -16.15 7.25 15.61
C PRO D 176 -16.08 8.19 14.41
N PRO D 177 -15.80 7.66 13.19
CA PRO D 177 -15.77 8.49 11.99
C PRO D 177 -17.15 9.10 11.81
N VAL D 178 -17.24 10.35 11.43
CA VAL D 178 -18.52 11.06 11.16
C VAL D 178 -18.56 11.42 9.68
N LEU D 179 -19.71 11.25 9.03
CA LEU D 179 -19.91 11.61 7.61
C LEU D 179 -19.98 13.13 7.50
N ASP D 180 -19.08 13.71 6.71
CA ASP D 180 -19.03 15.18 6.46
C ASP D 180 -19.98 15.50 5.29
N SER D 181 -20.33 16.77 5.11
CA SER D 181 -21.30 17.23 4.09
C SER D 181 -20.76 16.99 2.66
N ASP D 182 -19.45 16.83 2.48
CA ASP D 182 -18.86 16.59 1.13
C ASP D 182 -18.75 15.09 0.83
N GLY D 183 -19.30 14.20 1.68
CA GLY D 183 -19.26 12.74 1.45
C GLY D 183 -17.96 12.08 1.92
N SER D 184 -17.00 12.82 2.47
CA SER D 184 -15.81 12.25 3.15
C SER D 184 -16.12 12.09 4.65
N PHE D 185 -15.18 11.49 5.39
CA PHE D 185 -15.30 11.29 6.86
C PHE D 185 -14.29 12.15 7.60
N PHE D 186 -14.64 12.54 8.83
CA PHE D 186 -13.69 13.12 9.81
C PHE D 186 -13.89 12.45 11.17
N LEU D 187 -12.85 12.51 11.99
CA LEU D 187 -12.94 12.22 13.44
C LEU D 187 -11.95 13.10 14.20
N TYR D 188 -12.04 13.05 15.51
CA TYR D 188 -11.11 13.70 16.46
C TYR D 188 -10.56 12.62 17.39
N SER D 189 -9.27 12.69 17.71
CA SER D 189 -8.65 11.92 18.82
C SER D 189 -8.19 12.90 19.90
N LYS D 190 -8.56 12.67 21.15
CA LYS D 190 -8.22 13.55 22.30
C LYS D 190 -7.26 12.81 23.23
N LEU D 191 -6.02 13.31 23.31
CA LEU D 191 -5.00 12.86 24.29
C LEU D 191 -5.05 13.76 25.52
N THR D 192 -5.25 13.19 26.70
CA THR D 192 -5.24 13.91 27.99
C THR D 192 -3.85 13.75 28.64
N VAL D 193 -3.21 14.85 29.03
CA VAL D 193 -1.86 14.84 29.66
C VAL D 193 -1.84 15.82 30.83
N ASP D 194 -0.97 15.58 31.81
CA ASP D 194 -0.73 16.50 32.95
C ASP D 194 -0.17 17.79 32.35
N LYS D 195 -0.69 18.93 32.79
CA LYS D 195 -0.39 20.22 32.11
C LYS D 195 1.12 20.49 32.20
N SER D 196 1.78 20.04 33.27
CA SER D 196 3.25 20.11 33.46
C SER D 196 4.00 19.57 32.23
N ARG D 197 3.61 18.40 31.72
CA ARG D 197 4.31 17.72 30.60
C ARG D 197 4.19 18.57 29.34
N TRP D 198 3.02 19.18 29.14
CA TRP D 198 2.76 20.06 27.98
C TRP D 198 3.64 21.30 28.09
N GLN D 199 3.60 21.95 29.26
CA GLN D 199 4.17 23.30 29.49
C GLN D 199 5.70 23.23 29.43
N GLN D 200 6.29 22.06 29.72
CA GLN D 200 7.76 21.86 29.73
C GLN D 200 8.23 21.43 28.34
N GLY D 201 7.37 21.55 27.32
CA GLY D 201 7.79 21.50 25.90
C GLY D 201 8.00 20.10 25.35
N ASN D 202 7.40 19.08 25.97
CA ASN D 202 7.41 17.70 25.42
C ASN D 202 6.70 17.70 24.06
N VAL D 203 7.24 16.91 23.13
CA VAL D 203 6.66 16.67 21.77
C VAL D 203 5.74 15.46 21.83
N PHE D 204 4.48 15.64 21.43
CA PHE D 204 3.47 14.57 21.27
C PHE D 204 3.13 14.40 19.79
N SER D 205 2.84 13.18 19.39
CA SER D 205 2.65 12.79 17.98
C SER D 205 1.31 12.06 17.82
N CYS D 206 0.51 12.52 16.86
CA CYS D 206 -0.74 11.87 16.43
C CYS D 206 -0.40 11.04 15.19
N SER D 207 -0.60 9.74 15.28
CA SER D 207 -0.16 8.73 14.29
C SER D 207 -1.39 8.08 13.62
N VAL D 208 -1.48 8.13 12.30
CA VAL D 208 -2.73 7.79 11.57
C VAL D 208 -2.39 6.76 10.49
N MET D 209 -3.12 5.66 10.45
CA MET D 209 -3.03 4.64 9.38
C MET D 209 -4.32 4.62 8.57
N HIS D 210 -4.20 4.64 7.25
CA HIS D 210 -5.33 4.69 6.29
C HIS D 210 -4.82 4.24 4.92
N GLU D 211 -5.66 3.60 4.10
CA GLU D 211 -5.25 2.96 2.83
C GLU D 211 -4.72 4.01 1.85
N ALA D 212 -5.17 5.26 1.97
CA ALA D 212 -4.93 6.36 1.01
C ALA D 212 -3.70 7.20 1.40
N LEU D 213 -2.94 6.81 2.42
CA LEU D 213 -1.69 7.49 2.82
C LEU D 213 -0.50 6.75 2.22
N HIS D 214 0.56 7.48 1.83
CA HIS D 214 1.84 6.87 1.40
C HIS D 214 2.30 5.97 2.53
N ASN D 215 2.59 4.69 2.24
CA ASN D 215 2.98 3.66 3.24
C ASN D 215 1.85 3.41 4.25
N HIS D 216 0.60 3.74 3.92
CA HIS D 216 -0.59 3.57 4.80
C HIS D 216 -0.38 4.28 6.15
N TYR D 217 0.43 5.34 6.20
CA TYR D 217 0.92 5.92 7.48
C TYR D 217 1.34 7.37 7.32
N THR D 218 1.01 8.17 8.32
CA THR D 218 1.48 9.56 8.52
C THR D 218 1.44 9.85 10.01
N GLN D 219 2.19 10.86 10.42
CA GLN D 219 2.37 11.27 11.83
C GLN D 219 2.41 12.80 11.81
N LYS D 220 1.81 13.44 12.80
CA LYS D 220 1.85 14.91 12.94
C LYS D 220 2.22 15.17 14.39
N SER D 221 3.20 16.02 14.63
CA SER D 221 3.70 16.34 15.97
C SER D 221 3.16 17.70 16.39
N LEU D 222 3.30 17.99 17.67
CA LEU D 222 2.61 19.08 18.38
C LEU D 222 3.42 19.33 19.65
N SER D 223 3.89 20.56 19.87
CA SER D 223 4.65 20.90 21.09
C SER D 223 4.52 22.39 21.40
N LEU D 224 4.75 22.74 22.65
CA LEU D 224 5.03 24.13 23.10
C LEU D 224 6.53 24.37 22.89
N SER D 225 6.90 25.41 22.15
CA SER D 225 8.29 25.93 22.13
C SER D 225 8.25 27.44 21.94
N PRO D 226 9.32 28.17 22.33
CA PRO D 226 9.29 29.63 22.30
C PRO D 226 9.31 30.15 20.84
N GLY D 227 8.66 31.29 20.60
CA GLY D 227 8.60 31.99 19.29
C GLY D 227 9.97 32.43 18.79
N LYS D 228 10.04 33.52 18.03
CA LYS D 228 11.32 34.11 17.55
C LYS D 228 11.74 35.15 18.60
N ALA D 229 10.80 36.03 18.95
CA ALA D 229 10.95 37.14 19.92
C ALA D 229 11.12 36.57 21.34
N GLU D 230 10.43 35.47 21.65
CA GLU D 230 10.46 34.83 22.99
C GLU D 230 11.85 34.20 23.19
N ARG D 231 12.40 33.53 22.17
CA ARG D 231 13.77 32.95 22.17
C ARG D 231 14.80 34.03 22.52
N ALA D 232 14.71 35.20 21.90
CA ALA D 232 15.64 36.35 22.07
C ALA D 232 15.64 36.79 23.55
N ALA D 233 14.46 37.03 24.11
CA ALA D 233 14.24 37.45 25.53
C ALA D 233 14.85 36.40 26.48
N LEU D 234 14.60 35.12 26.22
CA LEU D 234 15.13 33.98 27.03
C LEU D 234 16.66 34.03 27.00
N GLU D 235 17.26 34.22 25.82
CA GLU D 235 18.74 34.28 25.64
C GLU D 235 19.30 35.44 26.49
N GLU D 236 18.61 36.58 26.49
CA GLU D 236 19.01 37.81 27.24
C GLU D 236 19.01 37.48 28.75
N LEU D 237 17.95 36.87 29.26
CA LEU D 237 17.85 36.43 30.68
C LEU D 237 18.98 35.46 31.03
N VAL D 238 19.26 34.49 30.14
CA VAL D 238 20.35 33.48 30.34
C VAL D 238 21.67 34.24 30.53
N LYS D 239 21.97 35.20 29.63
CA LYS D 239 23.20 36.03 29.66
C LYS D 239 23.34 36.67 31.04
N LEU D 240 22.31 37.42 31.46
CA LEU D 240 22.31 38.25 32.68
C LEU D 240 22.43 37.35 33.92
N GLN D 241 21.69 36.25 33.96
CA GLN D 241 21.72 35.30 35.09
C GLN D 241 23.08 34.60 35.14
N GLY D 242 23.67 34.28 33.97
CA GLY D 242 25.04 33.75 33.86
C GLY D 242 26.06 34.69 34.50
N GLU D 243 25.99 35.98 34.15
CA GLU D 243 26.83 37.05 34.75
C GLU D 243 26.59 37.09 36.27
N ARG D 244 25.32 37.01 36.71
CA ARG D 244 24.92 37.07 38.13
C ARG D 244 25.55 35.90 38.90
N VAL D 245 25.44 34.69 38.35
CA VAL D 245 26.00 33.44 38.94
C VAL D 245 27.52 33.58 39.00
N ARG D 246 28.19 33.87 37.88
CA ARG D 246 29.66 34.07 37.83
C ARG D 246 30.05 35.10 38.88
N GLY D 247 29.31 36.23 38.97
CA GLY D 247 29.51 37.29 39.98
C GLY D 247 29.52 36.74 41.40
N LEU D 248 28.50 35.98 41.79
CA LEU D 248 28.38 35.39 43.16
C LEU D 248 29.49 34.36 43.37
N LYS D 249 29.84 33.60 42.33
CA LYS D 249 30.93 32.58 42.35
C LYS D 249 32.28 33.30 42.43
N GLN D 250 32.50 34.36 41.64
CA GLN D 250 33.76 35.17 41.60
C GLN D 250 33.97 35.85 42.96
N GLN D 251 32.88 36.36 43.54
CA GLN D 251 32.82 36.75 44.97
C GLN D 251 32.72 35.45 45.77
N LYS D 252 32.75 35.49 47.10
CA LYS D 252 32.51 34.27 47.93
C LYS D 252 31.17 34.48 48.63
N ALA D 253 30.14 33.78 48.18
CA ALA D 253 28.73 33.94 48.61
C ALA D 253 28.23 32.57 49.07
N SER D 254 27.21 32.51 49.94
CA SER D 254 26.66 31.25 50.52
C SER D 254 26.45 30.23 49.40
N ALA D 255 26.78 28.96 49.63
CA ALA D 255 26.53 27.86 48.66
C ALA D 255 25.02 27.79 48.39
N GLU D 256 24.23 28.11 49.42
CA GLU D 256 22.74 28.27 49.40
C GLU D 256 22.37 29.20 48.24
N LEU D 257 22.84 30.44 48.27
CA LEU D 257 22.47 31.48 47.29
C LEU D 257 22.96 31.05 45.89
N ILE D 258 24.19 30.54 45.78
CA ILE D 258 24.72 29.93 44.53
C ILE D 258 23.73 28.87 44.03
N GLU D 259 23.36 27.90 44.88
CA GLU D 259 22.42 26.80 44.53
C GLU D 259 21.18 27.38 43.85
N GLU D 260 20.49 28.32 44.52
CA GLU D 260 19.23 28.95 44.04
C GLU D 260 19.47 29.56 42.66
N GLU D 261 20.48 30.42 42.55
CA GLU D 261 20.78 31.18 41.30
C GLU D 261 21.16 30.22 40.17
N VAL D 262 22.00 29.20 40.45
CA VAL D 262 22.42 28.20 39.42
C VAL D 262 21.18 27.44 38.93
N ALA D 263 20.30 27.02 39.85
CA ALA D 263 19.04 26.31 39.52
C ALA D 263 18.22 27.16 38.53
N LYS D 264 18.00 28.44 38.86
CA LYS D 264 17.23 29.39 38.00
C LYS D 264 17.86 29.43 36.59
N LEU D 265 19.20 29.51 36.51
CA LEU D 265 19.95 29.61 35.23
C LEU D 265 19.71 28.34 34.40
N LEU D 266 19.76 27.18 35.05
CA LEU D 266 19.53 25.85 34.41
C LEU D 266 18.10 25.79 33.85
N LYS D 267 17.10 26.24 34.61
CA LYS D 267 15.68 26.28 34.17
C LYS D 267 15.52 27.14 32.91
N LEU D 268 16.14 28.32 32.89
CA LEU D 268 16.12 29.22 31.70
C LEU D 268 16.70 28.50 30.48
N LYS D 269 17.88 27.88 30.62
CA LYS D 269 18.60 27.21 29.50
C LYS D 269 17.71 26.11 28.93
N ALA D 270 17.03 25.35 29.82
CA ALA D 270 16.13 24.23 29.47
C ALA D 270 15.04 24.69 28.50
N GLN D 271 14.47 25.88 28.74
CA GLN D 271 13.36 26.47 27.94
C GLN D 271 13.79 26.68 26.47
N LEU D 272 15.09 26.84 26.18
CA LEU D 272 15.59 27.06 24.79
C LEU D 272 15.63 25.73 24.03
#